data_7DZ4
#
_entry.id   7DZ4
#
_cell.length_a   62.656
_cell.length_b   87.921
_cell.length_c   128.295
_cell.angle_alpha   90.000
_cell.angle_beta   99.306
_cell.angle_gamma   90.000
#
_symmetry.space_group_name_H-M   'P 1 21 1'
#
loop_
_entity.id
_entity.type
_entity.pdbx_description
1 polymer 'D-tagatose 3-epimerase'
2 non-polymer 'MAGNESIUM ION'
3 non-polymer D-tagatose
4 water water
#
_entity_poly.entity_id   1
_entity_poly.type   'polypeptide(L)'
_entity_poly.pdbx_seq_one_letter_code
;MTMQGFGVHTSMWTMNWDRPGAERAVAAALKYEVDFIEIPMLNPPAVDTEHTRALLEKNELRALCSLGLPERAWASVRPD
AAIEHLKVAIDKTADLGGEALSGVIYGGIGERTGVPPTEAEYDNIARVLSAAAKHAKSRGIELGVEAVNRYENHLINTGW
QAVQMIERVGADNIFVHLDTYHMNIEEKGVGNGILDAREHLKYIHLSESDRGTPGYGTCGWDEIFSTLAAIGFKGGLAME
SFINMPPEVAYGLAVWRPVAKDEEEVMGNGLPFLRNKAKQYGLIGN
;
_entity_poly.pdbx_strand_id   A,B,C,D
#
loop_
_chem_comp.id
_chem_comp.type
_chem_comp.name
_chem_comp.formula
MG non-polymer 'MAGNESIUM ION' 'Mg 2'
TAG D-saccharide D-tagatose 'C6 H12 O6'
#
# COMPACT_ATOMS: atom_id res chain seq x y z
N MET A 1 11.12 -1.28 31.60
CA MET A 1 10.91 -0.11 30.69
C MET A 1 9.42 0.07 30.39
N THR A 2 8.86 1.15 30.93
CA THR A 2 7.48 1.56 30.67
C THR A 2 7.42 2.71 29.68
N MET A 3 8.50 2.94 28.92
CA MET A 3 8.53 4.07 28.00
C MET A 3 7.28 4.05 27.13
N GLN A 4 6.72 5.23 26.92
CA GLN A 4 5.42 5.39 26.30
C GLN A 4 5.43 6.68 25.48
N GLY A 5 4.58 6.70 24.47
CA GLY A 5 4.38 7.87 23.69
C GLY A 5 5.37 7.99 22.56
N PHE A 6 5.56 9.25 22.14
CA PHE A 6 6.44 9.60 21.05
C PHE A 6 7.75 10.11 21.60
N GLY A 7 8.82 9.77 20.90
CA GLY A 7 10.13 10.28 21.20
C GLY A 7 10.93 10.36 19.93
N VAL A 8 12.16 10.76 20.09
CA VAL A 8 13.03 10.97 18.94
C VAL A 8 14.38 10.41 19.28
N HIS A 9 15.00 9.74 18.31
CA HIS A 9 16.43 9.43 18.40
C HIS A 9 17.18 10.72 18.16
N THR A 10 18.07 11.11 19.09
CA THR A 10 18.63 12.46 19.01
C THR A 10 19.75 12.61 17.98
N SER A 11 20.00 11.61 17.13
CA SER A 11 21.07 11.72 16.13
C SER A 11 20.89 12.90 15.19
N MET A 12 19.66 13.38 14.99
CA MET A 12 19.44 14.53 14.14
C MET A 12 20.00 15.83 14.72
N TRP A 13 20.40 15.82 15.97
CA TRP A 13 21.03 17.00 16.59
C TRP A 13 22.32 16.65 17.30
N THR A 14 22.50 15.41 17.73
CA THR A 14 23.67 15.07 18.52
C THR A 14 23.96 13.59 18.41
N MET A 15 25.14 13.24 17.90
CA MET A 15 25.67 11.89 18.09
C MET A 15 26.77 11.84 19.14
N ASN A 16 27.41 12.96 19.41
CA ASN A 16 28.39 13.08 20.49
C ASN A 16 27.69 13.65 21.72
N TRP A 17 27.40 12.80 22.71
CA TRP A 17 26.60 13.24 23.85
C TRP A 17 27.50 13.93 24.88
N ASP A 18 28.05 15.07 24.48
CA ASP A 18 28.80 15.91 25.40
C ASP A 18 27.88 16.98 25.97
N ARG A 19 28.41 17.93 26.73
CA ARG A 19 27.51 18.87 27.39
C ARG A 19 26.72 19.73 26.43
N PRO A 20 27.32 20.45 25.49
CA PRO A 20 26.48 21.22 24.57
C PRO A 20 25.55 20.33 23.77
N GLY A 21 26.03 19.13 23.40
CA GLY A 21 25.21 18.24 22.58
C GLY A 21 23.95 17.78 23.31
N ALA A 22 24.10 17.43 24.59
CA ALA A 22 22.94 17.06 25.38
C ALA A 22 21.96 18.22 25.47
N GLU A 23 22.48 19.42 25.68
CA GLU A 23 21.58 20.58 25.74
C GLU A 23 20.91 20.84 24.40
N ARG A 24 21.65 20.71 23.31
CA ARG A 24 21.07 20.89 21.99
C ARG A 24 19.93 19.89 21.75
N ALA A 25 20.14 18.63 22.14
CA ALA A 25 19.13 17.61 21.91
C ALA A 25 17.92 17.84 22.79
N VAL A 26 18.13 18.15 24.06
CA VAL A 26 16.99 18.38 24.92
C VAL A 26 16.21 19.58 24.40
N ALA A 27 16.91 20.59 23.87
CA ALA A 27 16.18 21.75 23.35
C ALA A 27 15.28 21.36 22.17
N ALA A 28 15.80 20.53 21.27
CA ALA A 28 14.99 19.99 20.18
C ALA A 28 13.79 19.21 20.72
N ALA A 29 14.04 18.31 21.67
CA ALA A 29 12.94 17.51 22.19
C ALA A 29 11.80 18.40 22.68
N LEU A 30 12.14 19.51 23.33
CA LEU A 30 11.09 20.42 23.84
C LEU A 30 10.34 21.07 22.71
N LYS A 31 11.09 21.53 21.70
CA LYS A 31 10.50 22.18 20.55
C LYS A 31 9.47 21.29 19.88
N TYR A 32 9.83 20.02 19.61
CA TYR A 32 8.88 19.09 18.98
C TYR A 32 7.96 18.41 19.96
N GLU A 33 8.03 18.76 21.25
CA GLU A 33 7.07 18.34 22.27
C GLU A 33 6.97 16.82 22.41
N VAL A 34 8.11 16.15 22.43
CA VAL A 34 8.13 14.70 22.55
C VAL A 34 8.11 14.30 24.01
N ASP A 35 7.83 13.03 24.26
CA ASP A 35 7.77 12.49 25.61
C ASP A 35 9.12 11.96 26.07
N PHE A 36 9.96 11.52 25.14
CA PHE A 36 11.23 10.92 25.52
C PHE A 36 12.23 11.15 24.42
N ILE A 37 13.54 11.02 24.79
CA ILE A 37 14.61 11.00 23.82
C ILE A 37 15.37 9.67 23.91
N GLU A 38 15.92 9.29 22.79
CA GLU A 38 16.86 8.18 22.74
C GLU A 38 18.25 8.74 22.57
N ILE A 39 19.12 8.40 23.51
CA ILE A 39 20.48 9.00 23.60
C ILE A 39 21.45 8.03 23.02
N PRO A 40 22.11 8.34 21.90
CA PRO A 40 23.19 7.51 21.40
C PRO A 40 24.39 7.60 22.34
N MET A 41 24.98 6.45 22.61
CA MET A 41 26.20 6.37 23.42
C MET A 41 27.32 5.79 22.59
N LEU A 42 27.92 6.64 21.75
CA LEU A 42 29.10 6.23 20.98
C LEU A 42 30.33 5.98 21.87
N ASN A 43 30.39 6.66 23.01
CA ASN A 43 31.56 6.62 23.90
C ASN A 43 31.05 6.75 25.33
N PRO A 44 30.55 5.65 25.89
CA PRO A 44 29.86 5.71 27.18
C PRO A 44 30.69 6.36 28.28
N PRO A 45 31.98 6.02 28.40
CA PRO A 45 32.76 6.58 29.51
C PRO A 45 32.70 8.09 29.59
N ALA A 46 32.54 8.78 28.46
CA ALA A 46 32.63 10.24 28.46
C ALA A 46 31.33 10.95 28.82
N VAL A 47 30.26 10.20 29.03
CA VAL A 47 28.96 10.78 29.32
C VAL A 47 28.96 11.34 30.74
N ASP A 48 28.55 12.60 30.87
CA ASP A 48 28.33 13.28 32.15
C ASP A 48 26.92 12.93 32.62
N THR A 49 26.81 11.93 33.49
CA THR A 49 25.52 11.39 33.87
C THR A 49 24.69 12.37 34.68
N GLU A 50 25.36 13.15 35.54
CA GLU A 50 24.61 14.05 36.41
C GLU A 50 24.02 15.21 35.62
N HIS A 51 24.78 15.75 34.68
CA HIS A 51 24.23 16.83 33.88
C HIS A 51 22.98 16.36 33.14
N THR A 52 23.09 15.18 32.52
CA THR A 52 21.97 14.68 31.74
C THR A 52 20.81 14.32 32.64
N ARG A 53 21.08 13.71 33.78
CA ARG A 53 20.01 13.44 34.71
C ARG A 53 19.26 14.71 35.06
N ALA A 54 19.99 15.76 35.45
CA ALA A 54 19.34 17.01 35.84
C ALA A 54 18.49 17.57 34.71
N LEU A 55 19.03 17.50 33.49
CA LEU A 55 18.32 18.05 32.33
C LEU A 55 17.03 17.30 32.08
N LEU A 56 17.10 15.98 32.10
CA LEU A 56 15.89 15.20 31.88
C LEU A 56 14.85 15.51 32.94
N GLU A 57 15.29 15.58 34.20
CA GLU A 57 14.35 15.78 35.30
C GLU A 57 13.74 17.18 35.22
N LYS A 58 14.59 18.19 34.99
CA LYS A 58 14.07 19.55 34.99
C LYS A 58 13.07 19.75 33.87
N ASN A 59 13.27 19.06 32.75
CA ASN A 59 12.45 19.27 31.56
C ASN A 59 11.36 18.23 31.41
N GLU A 60 11.14 17.39 32.42
CA GLU A 60 10.08 16.37 32.37
C GLU A 60 10.23 15.47 31.14
N LEU A 61 11.45 14.98 30.92
CA LEU A 61 11.71 14.13 29.77
C LEU A 61 12.18 12.76 30.22
N ARG A 62 11.69 11.72 29.57
CA ARG A 62 12.23 10.40 29.85
C ARG A 62 13.28 10.09 28.81
N ALA A 63 14.07 9.07 29.09
CA ALA A 63 15.08 8.70 28.14
C ALA A 63 15.40 7.23 28.23
N LEU A 64 15.92 6.75 27.12
CA LEU A 64 16.73 5.55 27.06
C LEU A 64 17.97 5.86 26.23
N CYS A 65 18.89 4.92 26.24
CA CYS A 65 20.14 5.00 25.50
C CYS A 65 20.24 3.83 24.56
N SER A 66 21.06 4.00 23.52
CA SER A 66 21.29 2.92 22.57
C SER A 66 22.73 2.97 22.06
N LEU A 67 23.20 1.83 21.55
CA LEU A 67 24.55 1.71 21.02
C LEU A 67 24.61 0.52 20.08
N GLY A 68 25.69 0.50 19.31
CA GLY A 68 26.19 -0.72 18.68
C GLY A 68 27.57 -1.06 19.21
N LEU A 69 27.85 -2.35 19.38
CA LEU A 69 29.19 -2.70 19.88
C LEU A 69 30.29 -2.34 18.88
N PRO A 70 31.41 -1.80 19.33
CA PRO A 70 32.56 -1.62 18.43
C PRO A 70 33.23 -2.96 18.18
N GLU A 71 34.03 -3.01 17.12
CA GLU A 71 34.57 -4.29 16.67
C GLU A 71 35.42 -4.97 17.74
N ARG A 72 36.20 -4.19 18.51
CA ARG A 72 36.97 -4.75 19.61
C ARG A 72 36.11 -5.50 20.60
N ALA A 73 34.77 -5.30 20.55
CA ALA A 73 33.88 -5.95 21.51
C ALA A 73 32.65 -6.60 20.85
N TRP A 74 32.71 -6.98 19.58
CA TRP A 74 31.62 -7.77 19.02
C TRP A 74 31.41 -9.05 19.84
N ALA A 75 30.15 -9.24 20.27
CA ALA A 75 29.84 -10.31 21.22
C ALA A 75 29.99 -11.70 20.61
N SER A 76 29.70 -11.86 19.32
CA SER A 76 29.78 -13.17 18.70
C SER A 76 31.19 -13.75 18.78
N VAL A 77 32.21 -12.88 18.86
CA VAL A 77 33.58 -13.38 18.81
C VAL A 77 34.44 -12.95 19.98
N ARG A 78 34.12 -11.82 20.60
CA ARG A 78 34.86 -11.30 21.76
C ARG A 78 33.89 -11.01 22.90
N PRO A 79 33.23 -12.04 23.42
CA PRO A 79 32.17 -11.82 24.40
C PRO A 79 32.64 -11.20 25.70
N ASP A 80 33.86 -11.54 26.15
CA ASP A 80 34.36 -10.96 27.41
C ASP A 80 34.47 -9.44 27.29
N ALA A 81 34.97 -8.95 26.15
CA ALA A 81 35.04 -7.52 25.95
C ALA A 81 33.67 -6.93 25.71
N ALA A 82 32.78 -7.72 25.10
CA ALA A 82 31.41 -7.25 24.93
C ALA A 82 30.76 -7.02 26.27
N ILE A 83 30.92 -7.96 27.20
CA ILE A 83 30.36 -7.79 28.53
C ILE A 83 30.94 -6.54 29.19
N GLU A 84 32.25 -6.31 29.05
CA GLU A 84 32.88 -5.18 29.74
C GLU A 84 32.35 -3.86 29.17
N HIS A 85 32.20 -3.81 27.84
CA HIS A 85 31.65 -2.63 27.19
C HIS A 85 30.22 -2.39 27.65
N LEU A 86 29.39 -3.44 27.65
CA LEU A 86 27.99 -3.27 28.00
C LEU A 86 27.83 -2.87 29.47
N LYS A 87 28.67 -3.41 30.36
CA LYS A 87 28.51 -3.04 31.76
C LYS A 87 28.71 -1.54 31.95
N VAL A 88 29.69 -0.97 31.25
CA VAL A 88 29.93 0.46 31.35
C VAL A 88 28.76 1.24 30.79
N ALA A 89 28.22 0.82 29.64
CA ALA A 89 27.09 1.53 29.07
C ALA A 89 25.85 1.40 29.94
N ILE A 90 25.61 0.23 30.51
CA ILE A 90 24.45 0.03 31.37
C ILE A 90 24.54 0.95 32.58
N ASP A 91 25.72 1.04 33.20
CA ASP A 91 25.85 1.89 34.37
C ASP A 91 25.63 3.35 34.00
N LYS A 92 26.16 3.78 32.86
CA LYS A 92 25.99 5.16 32.45
C LYS A 92 24.53 5.46 32.14
N THR A 93 23.83 4.52 31.51
CA THR A 93 22.40 4.70 31.22
C THR A 93 21.61 4.87 32.51
N ALA A 94 21.80 3.96 33.45
CA ALA A 94 21.06 4.05 34.70
C ALA A 94 21.37 5.34 35.43
N ASP A 95 22.66 5.71 35.49
CA ASP A 95 23.07 6.87 36.28
C ASP A 95 22.55 8.17 35.68
N LEU A 96 22.34 8.21 34.35
CA LEU A 96 21.80 9.44 33.75
C LEU A 96 20.28 9.49 33.82
N GLY A 97 19.63 8.46 34.37
CA GLY A 97 18.19 8.43 34.47
C GLY A 97 17.51 7.65 33.36
N GLY A 98 18.30 6.96 32.53
CA GLY A 98 17.72 6.19 31.45
C GLY A 98 17.04 4.93 31.94
N GLU A 99 16.08 4.46 31.17
CA GLU A 99 15.28 3.32 31.57
C GLU A 99 15.64 2.06 30.82
N ALA A 100 16.44 2.17 29.78
CA ALA A 100 16.82 1.03 28.99
C ALA A 100 18.07 1.36 28.21
N LEU A 101 18.84 0.32 27.92
CA LEU A 101 19.90 0.34 26.91
C LEU A 101 19.46 -0.57 25.78
N SER A 102 19.33 -0.02 24.58
CA SER A 102 18.81 -0.82 23.49
C SER A 102 19.76 -0.67 22.33
N GLY A 103 19.37 -1.24 21.21
CA GLY A 103 20.17 -1.16 20.03
C GLY A 103 20.80 -2.47 19.62
N VAL A 104 21.90 -2.34 18.92
CA VAL A 104 22.71 -3.50 18.50
C VAL A 104 23.68 -3.82 19.63
N ILE A 105 23.11 -4.26 20.76
CA ILE A 105 23.89 -4.59 21.95
C ILE A 105 24.44 -6.00 21.93
N TYR A 106 24.08 -6.80 20.92
CA TYR A 106 24.47 -8.19 20.75
C TYR A 106 25.54 -8.38 19.70
N GLY A 107 25.97 -7.30 19.08
CA GLY A 107 26.96 -7.39 18.03
C GLY A 107 27.19 -5.98 17.54
N GLY A 108 27.74 -5.86 16.34
CA GLY A 108 28.08 -4.56 15.82
C GLY A 108 27.66 -4.39 14.38
N ILE A 109 27.53 -3.12 13.97
CA ILE A 109 27.36 -2.80 12.57
C ILE A 109 28.65 -3.14 11.84
N GLY A 110 28.54 -3.99 10.81
CA GLY A 110 29.69 -4.46 10.05
C GLY A 110 30.08 -5.91 10.25
N GLU A 111 29.41 -6.66 11.12
CA GLU A 111 29.64 -8.10 11.21
C GLU A 111 29.06 -8.83 10.01
N ARG A 112 29.82 -9.76 9.46
CA ARG A 112 29.45 -10.56 8.32
C ARG A 112 30.45 -11.69 8.15
N THR A 113 30.02 -12.94 8.17
CA THR A 113 30.93 -14.06 7.96
C THR A 113 30.86 -14.58 6.54
N GLY A 114 29.77 -14.28 5.84
CA GLY A 114 29.50 -14.80 4.52
C GLY A 114 28.68 -16.04 4.54
N VAL A 115 28.34 -16.55 5.72
CA VAL A 115 27.53 -17.76 5.88
C VAL A 115 26.48 -17.52 6.95
N PRO A 116 25.48 -18.41 7.07
CA PRO A 116 24.45 -18.22 8.09
C PRO A 116 25.03 -18.11 9.48
N PRO A 117 24.33 -17.43 10.38
CA PRO A 117 24.76 -17.38 11.79
C PRO A 117 24.81 -18.78 12.35
N THR A 118 25.81 -19.05 13.20
CA THR A 118 26.01 -20.39 13.74
C THR A 118 25.60 -20.48 15.21
N GLU A 119 25.44 -21.71 15.67
CA GLU A 119 25.13 -21.89 17.08
C GLU A 119 26.26 -21.39 17.96
N ALA A 120 27.53 -21.51 17.52
CA ALA A 120 28.62 -21.00 18.35
C ALA A 120 28.49 -19.49 18.55
N GLU A 121 28.22 -18.79 17.45
CA GLU A 121 27.99 -17.35 17.52
C GLU A 121 26.86 -17.03 18.48
N TYR A 122 25.74 -17.73 18.34
CA TYR A 122 24.60 -17.44 19.18
C TYR A 122 24.89 -17.78 20.63
N ASP A 123 25.76 -18.76 20.85
CA ASP A 123 26.10 -19.13 22.23
C ASP A 123 26.86 -17.99 22.89
N ASN A 124 27.81 -17.42 22.17
CA ASN A 124 28.55 -16.28 22.69
C ASN A 124 27.63 -15.08 22.93
N ILE A 125 26.70 -14.81 21.99
CA ILE A 125 25.75 -13.71 22.18
C ILE A 125 24.92 -13.93 23.45
N ALA A 126 24.35 -15.13 23.58
CA ALA A 126 23.53 -15.44 24.74
C ALA A 126 24.28 -15.26 26.05
N ARG A 127 25.55 -15.71 26.10
CA ARG A 127 26.33 -15.47 27.33
C ARG A 127 26.49 -13.99 27.62
N VAL A 128 26.77 -13.19 26.59
CA VAL A 128 26.94 -11.76 26.80
C VAL A 128 25.63 -11.14 27.28
N LEU A 129 24.53 -11.48 26.62
CA LEU A 129 23.28 -10.81 26.98
C LEU A 129 22.82 -11.25 28.36
N SER A 130 23.07 -12.52 28.75
CA SER A 130 22.73 -12.93 30.11
C SER A 130 23.51 -12.13 31.15
N ALA A 131 24.81 -11.95 30.93
CA ALA A 131 25.62 -11.16 31.87
C ALA A 131 25.15 -9.73 31.90
N ALA A 132 24.93 -9.16 30.72
CA ALA A 132 24.43 -7.80 30.61
C ALA A 132 23.06 -7.65 31.23
N ALA A 133 22.17 -8.62 31.02
CA ALA A 133 20.84 -8.47 31.58
C ALA A 133 20.90 -8.46 33.09
N LYS A 134 21.70 -9.36 33.66
CA LYS A 134 21.88 -9.39 35.12
C LYS A 134 22.37 -8.03 35.62
N HIS A 135 23.36 -7.45 34.92
CA HIS A 135 23.87 -6.15 35.33
C HIS A 135 22.82 -5.06 35.21
N ALA A 136 22.06 -5.05 34.12
CA ALA A 136 20.95 -4.12 33.97
C ALA A 136 19.91 -4.28 35.07
N LYS A 137 19.57 -5.53 35.41
CA LYS A 137 18.64 -5.76 36.51
C LYS A 137 19.15 -5.14 37.81
N SER A 138 20.45 -5.27 38.07
CA SER A 138 20.99 -4.70 39.31
C SER A 138 20.92 -3.17 39.31
N ARG A 139 20.94 -2.54 38.14
CA ARG A 139 20.77 -1.09 38.05
C ARG A 139 19.34 -0.67 37.75
N GLY A 140 18.39 -1.61 37.68
CA GLY A 140 17.00 -1.23 37.54
C GLY A 140 16.54 -0.83 36.15
N ILE A 141 17.24 -1.25 35.11
CA ILE A 141 16.90 -0.89 33.75
C ILE A 141 16.72 -2.16 32.94
N GLU A 142 16.20 -1.99 31.74
CA GLU A 142 15.96 -3.10 30.81
C GLU A 142 16.92 -2.99 29.64
N LEU A 143 17.04 -4.09 28.90
CA LEU A 143 17.85 -4.11 27.69
C LEU A 143 16.95 -4.35 26.50
N GLY A 144 17.29 -3.76 25.37
CA GLY A 144 16.56 -3.96 24.13
C GLY A 144 17.48 -4.48 23.05
N VAL A 145 16.98 -5.42 22.27
CA VAL A 145 17.69 -6.06 21.19
C VAL A 145 17.04 -5.56 19.91
N GLU A 146 17.77 -4.75 19.14
CA GLU A 146 17.23 -4.17 17.91
C GLU A 146 17.62 -5.04 16.72
N ALA A 147 16.62 -5.58 16.06
CA ALA A 147 16.81 -6.34 14.85
C ALA A 147 17.18 -5.35 13.75
N VAL A 148 18.26 -5.65 13.04
CA VAL A 148 18.75 -4.78 11.96
C VAL A 148 18.91 -5.60 10.67
N ASN A 149 19.10 -4.90 9.56
CA ASN A 149 19.02 -5.68 8.33
C ASN A 149 20.28 -6.51 8.08
N ARG A 150 20.12 -7.43 7.13
CA ARG A 150 21.13 -8.42 6.75
C ARG A 150 22.50 -7.84 6.46
N TYR A 151 22.56 -6.60 6.00
CA TYR A 151 23.84 -6.03 5.62
C TYR A 151 24.58 -5.40 6.79
N GLU A 152 23.89 -5.09 7.87
CA GLU A 152 24.57 -4.48 9.00
C GLU A 152 25.12 -5.51 9.94
N ASN A 153 24.47 -6.66 9.96
CA ASN A 153 24.76 -7.72 10.91
C ASN A 153 24.03 -8.98 10.44
N HIS A 154 24.66 -10.16 10.56
CA HIS A 154 24.11 -11.39 10.02
C HIS A 154 23.39 -12.24 11.07
N LEU A 155 23.27 -11.75 12.29
CA LEU A 155 22.85 -12.55 13.42
C LEU A 155 21.38 -12.35 13.80
N ILE A 156 20.92 -11.11 13.92
CA ILE A 156 19.53 -10.86 14.32
C ILE A 156 18.98 -9.83 13.34
N ASN A 157 18.14 -10.29 12.39
CA ASN A 157 17.59 -9.49 11.32
C ASN A 157 16.07 -9.38 11.37
N THR A 158 15.39 -10.30 12.01
CA THR A 158 13.92 -10.30 12.03
C THR A 158 13.40 -10.28 13.46
N GLY A 159 12.13 -9.96 13.60
CA GLY A 159 11.55 -10.03 14.93
C GLY A 159 11.58 -11.46 15.46
N TRP A 160 11.37 -12.44 14.58
CA TRP A 160 11.33 -13.80 15.09
C TRP A 160 12.71 -14.22 15.57
N GLN A 161 13.78 -13.80 14.88
CA GLN A 161 15.13 -14.12 15.39
C GLN A 161 15.38 -13.44 16.74
N ALA A 162 14.97 -12.18 16.87
CA ALA A 162 15.13 -11.47 18.14
C ALA A 162 14.38 -12.19 19.26
N VAL A 163 13.15 -12.62 19.00
CA VAL A 163 12.44 -13.35 20.05
C VAL A 163 13.16 -14.64 20.41
N GLN A 164 13.76 -15.33 19.43
CA GLN A 164 14.47 -16.58 19.72
C GLN A 164 15.69 -16.32 20.61
N MET A 165 16.37 -15.22 20.39
CA MET A 165 17.49 -14.89 21.26
C MET A 165 17.02 -14.59 22.67
N ILE A 166 15.94 -13.81 22.81
CA ILE A 166 15.38 -13.52 24.12
C ILE A 166 15.01 -14.81 24.84
N GLU A 167 14.40 -15.77 24.13
CA GLU A 167 14.10 -17.06 24.76
C GLU A 167 15.38 -17.82 25.10
N ARG A 168 16.36 -17.78 24.22
CA ARG A 168 17.60 -18.48 24.51
C ARG A 168 18.23 -17.93 25.79
N VAL A 169 18.15 -16.62 26.01
CA VAL A 169 18.78 -16.01 27.17
C VAL A 169 17.99 -16.27 28.44
N GLY A 170 16.66 -16.16 28.37
CA GLY A 170 15.84 -16.47 29.51
C GLY A 170 15.74 -15.40 30.58
N ALA A 171 16.10 -14.15 30.27
CA ALA A 171 15.91 -13.06 31.21
C ALA A 171 14.49 -12.52 31.08
N ASP A 172 14.08 -11.71 32.06
CA ASP A 172 12.79 -11.07 32.02
C ASP A 172 12.91 -9.60 31.69
N ASN A 173 14.14 -9.09 31.50
CA ASN A 173 14.32 -7.66 31.31
C ASN A 173 14.98 -7.35 29.97
N ILE A 174 14.88 -8.26 28.99
CA ILE A 174 15.28 -7.98 27.60
C ILE A 174 14.02 -7.90 26.74
N PHE A 175 13.87 -6.82 25.98
CA PHE A 175 12.75 -6.69 25.07
C PHE A 175 13.24 -6.61 23.62
N VAL A 176 12.30 -6.72 22.69
CA VAL A 176 12.58 -6.50 21.28
C VAL A 176 12.38 -5.05 20.88
N HIS A 177 13.25 -4.60 20.00
CA HIS A 177 13.30 -3.23 19.48
C HIS A 177 13.30 -3.42 17.98
N LEU A 178 12.23 -3.00 17.31
CA LEU A 178 12.11 -3.12 15.87
C LEU A 178 12.38 -1.77 15.25
N ASP A 179 12.64 -1.77 13.96
CA ASP A 179 12.91 -0.55 13.21
C ASP A 179 12.28 -0.71 11.84
N THR A 180 11.35 0.17 11.49
CA THR A 180 10.60 -0.01 10.25
C THR A 180 11.48 -0.01 9.04
N TYR A 181 12.63 0.70 9.09
CA TYR A 181 13.54 0.70 7.97
C TYR A 181 14.16 -0.68 7.77
N HIS A 182 14.49 -1.36 8.87
CA HIS A 182 15.07 -2.70 8.71
C HIS A 182 13.99 -3.71 8.38
N MET A 183 12.79 -3.55 8.98
CA MET A 183 11.68 -4.46 8.69
C MET A 183 11.26 -4.36 7.24
N ASN A 184 11.34 -3.16 6.69
CA ASN A 184 11.03 -2.92 5.29
C ASN A 184 11.84 -3.82 4.37
N ILE A 185 13.03 -4.25 4.81
CA ILE A 185 13.85 -5.18 4.07
C ILE A 185 13.63 -6.61 4.53
N GLU A 186 13.56 -6.83 5.84
CA GLU A 186 13.68 -8.18 6.39
C GLU A 186 12.38 -8.94 6.55
N GLU A 187 11.27 -8.26 6.84
CA GLU A 187 10.05 -8.96 7.22
C GLU A 187 9.22 -9.31 5.98
N LYS A 188 8.68 -10.53 5.98
CA LYS A 188 7.91 -11.06 4.86
C LYS A 188 6.50 -10.48 4.99
N GLY A 189 6.39 -9.22 4.61
CA GLY A 189 5.23 -8.43 5.00
C GLY A 189 5.56 -7.73 6.30
N VAL A 190 5.50 -6.40 6.32
CA VAL A 190 6.12 -5.66 7.40
C VAL A 190 5.44 -5.95 8.74
N GLY A 191 4.11 -6.11 8.72
CA GLY A 191 3.43 -6.49 9.96
C GLY A 191 3.91 -7.76 10.62
N ASN A 192 4.50 -8.68 9.85
CA ASN A 192 4.94 -9.94 10.46
C ASN A 192 6.05 -9.75 11.50
N GLY A 193 6.84 -8.70 11.37
CA GLY A 193 7.88 -8.49 12.38
C GLY A 193 7.24 -8.11 13.70
N ILE A 194 6.20 -7.27 13.65
CA ILE A 194 5.44 -6.91 14.84
C ILE A 194 4.71 -8.12 15.40
N LEU A 195 4.06 -8.90 14.53
CA LEU A 195 3.35 -10.09 14.97
C LEU A 195 4.29 -11.07 15.66
N ASP A 196 5.44 -11.34 15.04
CA ASP A 196 6.37 -12.30 15.62
C ASP A 196 6.92 -11.82 16.95
N ALA A 197 7.12 -10.51 17.10
CA ALA A 197 7.72 -9.97 18.30
C ALA A 197 6.70 -9.56 19.36
N ARG A 198 5.42 -9.87 19.14
CA ARG A 198 4.37 -9.19 19.88
C ARG A 198 4.50 -9.35 21.39
N GLU A 199 4.97 -10.51 21.85
CA GLU A 199 4.99 -10.70 23.31
C GLU A 199 6.17 -9.99 23.97
N HIS A 200 7.06 -9.43 23.17
CA HIS A 200 8.29 -8.85 23.67
C HIS A 200 8.56 -7.46 23.12
N LEU A 201 7.69 -6.92 22.28
CA LEU A 201 7.93 -5.63 21.61
C LEU A 201 7.61 -4.49 22.54
N LYS A 202 8.64 -3.67 22.82
CA LYS A 202 8.52 -2.53 23.70
C LYS A 202 8.96 -1.22 23.07
N TYR A 203 9.48 -1.26 21.85
CA TYR A 203 10.07 -0.07 21.29
C TYR A 203 10.18 -0.25 19.79
N ILE A 204 9.86 0.81 19.05
CA ILE A 204 10.00 0.72 17.61
C ILE A 204 10.53 2.03 17.08
N HIS A 205 11.50 1.93 16.18
CA HIS A 205 12.00 3.06 15.42
C HIS A 205 11.09 3.23 14.22
N LEU A 206 10.48 4.41 14.12
CA LEU A 206 9.68 4.80 12.97
C LEU A 206 10.60 5.57 12.05
N SER A 207 11.08 4.87 11.04
CA SER A 207 12.00 5.42 10.08
C SER A 207 11.49 5.07 8.70
N GLU A 208 11.70 5.98 7.78
CA GLU A 208 11.37 5.74 6.38
C GLU A 208 12.38 4.81 5.73
N SER A 209 11.93 4.22 4.62
CA SER A 209 12.71 3.20 3.91
C SER A 209 14.06 3.68 3.41
N ASP A 210 14.24 5.00 3.22
CA ASP A 210 15.50 5.60 2.78
C ASP A 210 16.18 6.42 3.89
N ARG A 211 15.71 6.28 5.13
CA ARG A 211 16.18 7.01 6.30
C ARG A 211 15.83 8.49 6.26
N GLY A 212 14.94 8.90 5.37
CA GLY A 212 14.57 10.31 5.21
C GLY A 212 13.38 10.73 6.01
N THR A 213 12.26 11.02 5.34
CA THR A 213 11.08 11.62 5.95
C THR A 213 9.97 10.59 6.04
N PRO A 214 9.56 10.19 7.25
CA PRO A 214 8.48 9.22 7.35
C PRO A 214 7.26 9.74 6.63
N GLY A 215 6.65 8.82 5.88
CA GLY A 215 5.49 9.10 5.08
C GLY A 215 5.79 9.25 3.61
N TYR A 216 7.06 9.31 3.26
CA TYR A 216 7.51 9.64 1.90
C TYR A 216 8.60 8.65 1.51
N GLY A 217 8.18 7.41 1.32
CA GLY A 217 9.10 6.37 0.93
C GLY A 217 8.34 5.11 0.56
N THR A 218 8.83 3.95 1.01
CA THR A 218 8.25 2.67 0.64
C THR A 218 7.82 1.85 1.86
N CYS A 219 7.90 2.41 3.05
CA CYS A 219 7.38 1.67 4.19
C CYS A 219 5.86 1.68 4.14
N GLY A 220 5.26 0.58 4.59
CA GLY A 220 3.80 0.44 4.65
C GLY A 220 3.24 0.88 5.98
N TRP A 221 3.09 2.19 6.12
CA TRP A 221 2.75 2.78 7.41
C TRP A 221 1.38 2.33 7.92
N ASP A 222 0.39 2.16 7.02
CA ASP A 222 -0.93 1.78 7.54
C ASP A 222 -0.90 0.39 8.13
N GLU A 223 -0.26 -0.54 7.44
CA GLU A 223 -0.04 -1.86 8.01
C GLU A 223 0.75 -1.77 9.31
N ILE A 224 1.83 -0.96 9.32
CA ILE A 224 2.62 -0.85 10.55
C ILE A 224 1.74 -0.40 11.72
N PHE A 225 1.05 0.72 11.55
CA PHE A 225 0.30 1.27 12.68
C PHE A 225 -0.90 0.42 13.04
N SER A 226 -1.62 -0.10 12.02
CA SER A 226 -2.77 -0.96 12.32
C SER A 226 -2.31 -2.15 13.13
N THR A 227 -1.13 -2.70 12.81
CA THR A 227 -0.73 -3.91 13.49
C THR A 227 -0.27 -3.59 14.90
N LEU A 228 0.42 -2.45 15.09
CA LEU A 228 0.78 -2.01 16.43
C LEU A 228 -0.46 -1.85 17.28
N ALA A 229 -1.48 -1.17 16.76
CA ALA A 229 -2.72 -1.05 17.53
C ALA A 229 -3.29 -2.41 17.82
N ALA A 230 -3.24 -3.32 16.85
CA ALA A 230 -3.94 -4.59 17.02
C ALA A 230 -3.27 -5.48 18.05
N ILE A 231 -1.96 -5.33 18.24
CA ILE A 231 -1.32 -6.06 19.32
C ILE A 231 -1.34 -5.28 20.63
N GLY A 232 -1.93 -4.09 20.64
CA GLY A 232 -2.05 -3.35 21.87
C GLY A 232 -0.75 -2.70 22.28
N PHE A 233 0.07 -2.31 21.32
CA PHE A 233 1.37 -1.75 21.64
C PHE A 233 1.22 -0.50 22.48
N LYS A 234 1.97 -0.44 23.59
CA LYS A 234 1.98 0.74 24.44
C LYS A 234 3.40 1.17 24.78
N GLY A 235 4.38 0.75 23.98
CA GLY A 235 5.77 1.10 24.18
C GLY A 235 6.17 2.37 23.44
N GLY A 236 7.48 2.51 23.24
CA GLY A 236 8.01 3.77 22.71
C GLY A 236 7.89 3.85 21.19
N LEU A 237 7.33 4.94 20.70
CA LEU A 237 7.25 5.26 19.29
C LEU A 237 8.33 6.32 19.03
N ALA A 238 9.46 5.88 18.51
CA ALA A 238 10.64 6.72 18.38
C ALA A 238 10.93 7.00 16.91
N MET A 239 10.90 8.27 16.53
CA MET A 239 11.27 8.67 15.18
C MET A 239 12.78 8.63 14.99
N GLU A 240 13.22 8.01 13.90
CA GLU A 240 14.63 7.98 13.56
C GLU A 240 14.80 8.44 12.12
N SER A 241 15.63 9.45 11.92
CA SER A 241 16.00 9.88 10.57
C SER A 241 17.50 10.10 10.58
N PHE A 242 18.15 9.90 9.44
CA PHE A 242 19.60 10.12 9.38
C PHE A 242 19.95 11.53 8.90
N ILE A 243 18.97 12.42 8.80
CA ILE A 243 19.23 13.80 8.45
C ILE A 243 20.18 14.44 9.46
N ASN A 244 21.12 15.22 8.94
CA ASN A 244 22.12 15.95 9.72
C ASN A 244 22.94 15.06 10.64
N MET A 245 23.07 13.77 10.33
CA MET A 245 24.03 12.98 11.10
C MET A 245 25.45 13.48 10.81
N PRO A 246 26.33 13.47 11.81
CA PRO A 246 27.75 13.74 11.56
C PRO A 246 28.28 12.81 10.47
N PRO A 247 29.04 13.35 9.50
CA PRO A 247 29.46 12.51 8.37
C PRO A 247 30.05 11.16 8.73
N GLU A 248 31.04 11.12 9.65
CA GLU A 248 31.72 9.86 9.93
C GLU A 248 30.73 8.79 10.38
N VAL A 249 29.77 9.16 11.23
CA VAL A 249 28.74 8.23 11.64
C VAL A 249 27.89 7.83 10.43
N ALA A 250 27.49 8.82 9.61
CA ALA A 250 26.65 8.55 8.46
C ALA A 250 27.35 7.60 7.49
N TYR A 251 28.63 7.83 7.22
CA TYR A 251 29.35 6.94 6.29
C TYR A 251 29.37 5.51 6.81
N GLY A 252 29.56 5.34 8.12
CA GLY A 252 29.52 4.03 8.73
C GLY A 252 28.20 3.31 8.57
N LEU A 253 27.11 4.07 8.34
CA LEU A 253 25.76 3.55 8.11
C LEU A 253 25.35 3.55 6.63
N ALA A 254 26.33 3.68 5.75
CA ALA A 254 26.12 3.60 4.30
C ALA A 254 25.30 4.77 3.77
N VAL A 255 25.39 5.93 4.38
CA VAL A 255 24.77 7.12 3.83
C VAL A 255 25.75 7.75 2.86
N TRP A 256 25.48 7.62 1.58
CA TRP A 256 26.41 8.09 0.57
C TRP A 256 25.96 9.38 -0.09
N ARG A 257 24.81 9.88 0.32
CA ARG A 257 24.09 10.98 -0.32
C ARG A 257 23.02 11.43 0.65
N PRO A 258 22.55 12.68 0.52
CA PRO A 258 21.55 13.17 1.48
C PRO A 258 20.30 12.30 1.50
N VAL A 259 19.81 12.01 2.71
CA VAL A 259 18.56 11.27 2.83
C VAL A 259 17.33 12.15 2.67
N ALA A 260 17.51 13.47 2.67
CA ALA A 260 16.41 14.43 2.70
C ALA A 260 16.98 15.84 2.57
N LYS A 261 16.08 16.79 2.36
CA LYS A 261 16.51 18.17 2.12
C LYS A 261 17.17 18.77 3.37
N ASP A 262 16.50 18.68 4.51
CA ASP A 262 16.93 19.36 5.71
C ASP A 262 15.99 18.97 6.84
N GLU A 263 16.34 19.40 8.05
CA GLU A 263 15.55 18.99 9.21
C GLU A 263 14.12 19.49 9.08
N GLU A 264 13.91 20.63 8.41
CA GLU A 264 12.57 21.18 8.31
C GLU A 264 11.66 20.26 7.51
N GLU A 265 12.18 19.68 6.45
CA GLU A 265 11.41 18.68 5.71
C GLU A 265 11.16 17.45 6.59
N VAL A 266 12.21 16.96 7.24
CA VAL A 266 12.13 15.69 7.93
C VAL A 266 11.23 15.81 9.15
N MET A 267 11.51 16.79 10.01
CA MET A 267 10.72 16.97 11.22
C MET A 267 9.40 17.66 10.93
N GLY A 268 9.36 18.54 9.93
CA GLY A 268 8.15 19.32 9.70
C GLY A 268 7.06 18.56 8.99
N ASN A 269 7.43 17.56 8.19
CA ASN A 269 6.49 16.66 7.51
C ASN A 269 6.45 15.28 8.13
N GLY A 270 7.59 14.77 8.60
CA GLY A 270 7.64 13.43 9.11
C GLY A 270 7.06 13.24 10.48
N LEU A 271 7.28 14.17 11.41
CA LEU A 271 6.74 13.93 12.74
C LEU A 271 5.22 14.07 12.75
N PRO A 272 4.66 15.09 12.09
CA PRO A 272 3.18 15.18 12.04
C PRO A 272 2.56 13.97 11.38
N PHE A 273 3.19 13.47 10.34
CA PHE A 273 2.69 12.27 9.67
C PHE A 273 2.58 11.13 10.67
N LEU A 274 3.62 10.91 11.44
CA LEU A 274 3.62 9.80 12.38
C LEU A 274 2.66 10.05 13.53
N ARG A 275 2.58 11.29 14.04
CA ARG A 275 1.62 11.52 15.10
C ARG A 275 0.20 11.35 14.57
N ASN A 276 -0.04 11.80 13.34
CA ASN A 276 -1.37 11.67 12.76
C ASN A 276 -1.75 10.20 12.60
N LYS A 277 -0.82 9.36 12.15
CA LYS A 277 -1.12 7.95 11.97
C LYS A 277 -1.38 7.28 13.31
N ALA A 278 -0.61 7.67 14.32
CA ALA A 278 -0.80 7.13 15.66
C ALA A 278 -2.19 7.46 16.16
N LYS A 279 -2.67 8.68 15.91
CA LYS A 279 -4.00 9.01 16.37
C LYS A 279 -5.03 8.28 15.52
N GLN A 280 -4.77 8.19 14.21
CA GLN A 280 -5.70 7.52 13.31
C GLN A 280 -6.02 6.11 13.77
N TYR A 281 -4.98 5.36 14.16
CA TYR A 281 -5.14 3.95 14.50
C TYR A 281 -5.25 3.74 16.01
N GLY A 282 -5.40 4.80 16.79
CA GLY A 282 -5.76 4.64 18.19
C GLY A 282 -4.64 4.24 19.12
N LEU A 283 -3.38 4.50 18.74
CA LEU A 283 -2.25 4.32 19.63
C LEU A 283 -2.00 5.54 20.52
N ILE A 284 -2.30 6.72 19.96
CA ILE A 284 -2.05 8.06 20.48
C ILE A 284 -1.08 8.09 21.65
N THR B 2 -18.42 -20.53 15.48
CA THR B 2 -17.14 -21.22 15.49
C THR B 2 -16.62 -21.50 14.07
N MET B 3 -17.33 -20.94 13.08
CA MET B 3 -16.90 -21.05 11.70
C MET B 3 -15.41 -20.70 11.61
N GLN B 4 -14.65 -21.52 10.90
CA GLN B 4 -13.20 -21.37 10.82
C GLN B 4 -12.72 -21.74 9.41
N GLY B 5 -11.57 -21.21 9.06
CA GLY B 5 -10.96 -21.57 7.81
C GLY B 5 -11.50 -20.71 6.70
N PHE B 6 -11.38 -21.27 5.49
CA PHE B 6 -11.77 -20.60 4.28
C PHE B 6 -13.11 -21.12 3.77
N GLY B 7 -13.87 -20.20 3.20
CA GLY B 7 -15.16 -20.54 2.63
C GLY B 7 -15.41 -19.64 1.46
N VAL B 8 -16.59 -19.82 0.87
CA VAL B 8 -16.99 -19.06 -0.30
C VAL B 8 -18.47 -18.73 -0.19
N HIS B 9 -18.81 -17.49 -0.49
CA HIS B 9 -20.19 -17.10 -0.75
C HIS B 9 -20.62 -17.70 -2.08
N THR B 10 -21.68 -18.53 -2.07
CA THR B 10 -22.03 -19.30 -3.25
C THR B 10 -22.65 -18.48 -4.38
N SER B 11 -22.81 -17.16 -4.20
CA SER B 11 -23.42 -16.32 -5.24
C SER B 11 -22.77 -16.52 -6.59
N MET B 12 -21.54 -16.98 -6.62
CA MET B 12 -20.82 -17.16 -7.87
C MET B 12 -21.38 -18.31 -8.69
N TRP B 13 -22.09 -19.21 -8.05
CA TRP B 13 -22.71 -20.34 -8.74
C TRP B 13 -24.20 -20.40 -8.55
N THR B 14 -24.74 -19.79 -7.50
CA THR B 14 -26.12 -19.98 -7.12
C THR B 14 -26.55 -18.86 -6.20
N MET B 15 -27.48 -18.02 -6.65
CA MET B 15 -28.25 -17.20 -5.71
C MET B 15 -29.60 -17.80 -5.42
N ASN B 16 -30.09 -18.65 -6.33
CA ASN B 16 -31.35 -19.38 -6.17
C ASN B 16 -31.02 -20.74 -5.57
N TRP B 17 -31.22 -20.88 -4.26
CA TRP B 17 -30.84 -22.12 -3.56
C TRP B 17 -31.96 -23.14 -3.71
N ASP B 18 -32.13 -23.62 -4.95
CA ASP B 18 -33.04 -24.73 -5.23
C ASP B 18 -32.21 -26.01 -5.31
N ARG B 19 -32.84 -27.13 -5.64
CA ARG B 19 -32.08 -28.37 -5.60
C ARG B 19 -30.89 -28.35 -6.53
N PRO B 20 -31.03 -28.06 -7.83
CA PRO B 20 -29.82 -28.06 -8.68
C PRO B 20 -28.81 -27.02 -8.26
N GLY B 21 -29.26 -25.86 -7.76
CA GLY B 21 -28.33 -24.82 -7.36
C GLY B 21 -27.47 -25.24 -6.19
N ALA B 22 -28.10 -25.87 -5.18
CA ALA B 22 -27.34 -26.39 -4.05
C ALA B 22 -26.31 -27.40 -4.51
N GLU B 23 -26.73 -28.34 -5.36
CA GLU B 23 -25.77 -29.33 -5.84
C GLU B 23 -24.61 -28.64 -6.58
N ARG B 24 -24.93 -27.61 -7.36
CA ARG B 24 -23.90 -26.91 -8.12
C ARG B 24 -22.93 -26.19 -7.19
N ALA B 25 -23.46 -25.55 -6.15
CA ALA B 25 -22.59 -24.83 -5.23
C ALA B 25 -21.73 -25.79 -4.44
N VAL B 26 -22.30 -26.90 -3.98
CA VAL B 26 -21.49 -27.84 -3.23
C VAL B 26 -20.40 -28.38 -4.12
N ALA B 27 -20.72 -28.64 -5.39
CA ALA B 27 -19.72 -29.18 -6.31
C ALA B 27 -18.55 -28.22 -6.43
N ALA B 28 -18.86 -26.93 -6.62
CA ALA B 28 -17.82 -25.91 -6.67
C ALA B 28 -17.02 -25.91 -5.37
N ALA B 29 -17.71 -25.96 -4.24
CA ALA B 29 -17.02 -25.91 -2.96
C ALA B 29 -16.00 -27.02 -2.85
N LEU B 30 -16.34 -28.21 -3.38
CA LEU B 30 -15.38 -29.33 -3.35
C LEU B 30 -14.22 -29.06 -4.26
N LYS B 31 -14.51 -28.52 -5.43
CA LYS B 31 -13.47 -28.28 -6.42
C LYS B 31 -12.43 -27.32 -5.88
N TYR B 32 -12.85 -26.33 -5.10
CA TYR B 32 -11.92 -25.35 -4.53
C TYR B 32 -11.47 -25.71 -3.13
N GLU B 33 -11.87 -26.87 -2.63
CA GLU B 33 -11.43 -27.42 -1.35
C GLU B 33 -11.56 -26.42 -0.21
N VAL B 34 -12.74 -25.81 -0.12
CA VAL B 34 -13.05 -24.90 0.95
C VAL B 34 -13.58 -25.67 2.15
N ASP B 35 -13.62 -25.01 3.29
CA ASP B 35 -14.13 -25.60 4.53
C ASP B 35 -15.61 -25.33 4.75
N PHE B 36 -16.14 -24.29 4.13
CA PHE B 36 -17.53 -23.96 4.34
C PHE B 36 -18.02 -23.17 3.15
N ILE B 37 -19.35 -23.09 3.04
CA ILE B 37 -20.03 -22.25 2.08
C ILE B 37 -20.96 -21.33 2.86
N GLU B 38 -21.17 -20.16 2.30
CA GLU B 38 -22.20 -19.25 2.77
C GLU B 38 -23.34 -19.33 1.77
N ILE B 39 -24.54 -19.63 2.27
CA ILE B 39 -25.72 -19.88 1.44
C ILE B 39 -26.60 -18.65 1.47
N PRO B 40 -26.77 -17.94 0.34
CA PRO B 40 -27.72 -16.84 0.32
C PRO B 40 -29.15 -17.38 0.35
N MET B 41 -29.98 -16.76 1.15
CA MET B 41 -31.39 -17.15 1.22
C MET B 41 -32.23 -15.99 0.74
N LEU B 42 -32.41 -15.92 -0.58
CA LEU B 42 -33.27 -14.91 -1.17
C LEU B 42 -34.75 -15.19 -0.89
N ASN B 43 -35.09 -16.47 -0.70
CA ASN B 43 -36.48 -16.89 -0.53
C ASN B 43 -36.49 -18.06 0.46
N PRO B 44 -36.38 -17.75 1.74
CA PRO B 44 -36.15 -18.80 2.74
C PRO B 44 -37.21 -19.90 2.69
N PRO B 45 -38.50 -19.57 2.64
CA PRO B 45 -39.52 -20.63 2.66
C PRO B 45 -39.27 -21.73 1.66
N ALA B 46 -38.65 -21.42 0.51
CA ALA B 46 -38.48 -22.38 -0.58
C ALA B 46 -37.31 -23.34 -0.38
N VAL B 47 -36.51 -23.18 0.65
CA VAL B 47 -35.29 -23.97 0.80
C VAL B 47 -35.64 -25.37 1.28
N ASP B 48 -35.12 -26.37 0.57
CA ASP B 48 -35.24 -27.78 0.97
C ASP B 48 -34.17 -28.05 2.01
N THR B 49 -34.53 -27.95 3.30
CA THR B 49 -33.57 -28.10 4.37
C THR B 49 -32.95 -29.49 4.42
N GLU B 50 -33.72 -30.53 4.09
CA GLU B 50 -33.18 -31.87 4.27
C GLU B 50 -32.15 -32.18 3.22
N HIS B 51 -32.44 -31.83 1.96
CA HIS B 51 -31.48 -32.02 0.90
C HIS B 51 -30.15 -31.36 1.30
N THR B 52 -30.21 -30.09 1.67
CA THR B 52 -28.99 -29.34 1.95
C THR B 52 -28.26 -29.93 3.14
N ARG B 53 -28.98 -30.28 4.19
CA ARG B 53 -28.34 -30.95 5.32
C ARG B 53 -27.56 -32.17 4.89
N ALA B 54 -28.22 -33.05 4.14
CA ALA B 54 -27.56 -34.29 3.75
C ALA B 54 -26.36 -33.98 2.88
N LEU B 55 -26.43 -32.90 2.07
CA LEU B 55 -25.32 -32.57 1.20
C LEU B 55 -24.11 -32.11 1.98
N LEU B 56 -24.35 -31.27 2.99
CA LEU B 56 -23.25 -30.76 3.80
C LEU B 56 -22.62 -31.87 4.62
N GLU B 57 -23.46 -32.78 5.12
CA GLU B 57 -22.95 -33.86 5.97
C GLU B 57 -22.14 -34.85 5.17
N LYS B 58 -22.64 -35.23 3.99
CA LYS B 58 -21.97 -36.20 3.14
C LYS B 58 -20.61 -35.68 2.69
N ASN B 59 -20.55 -34.42 2.29
CA ASN B 59 -19.35 -33.79 1.78
C ASN B 59 -18.55 -33.10 2.86
N GLU B 60 -18.91 -33.30 4.13
CA GLU B 60 -18.18 -32.75 5.29
C GLU B 60 -17.87 -31.27 5.09
N LEU B 61 -18.92 -30.51 4.80
CA LEU B 61 -18.85 -29.07 4.61
C LEU B 61 -19.66 -28.41 5.69
N ARG B 62 -19.14 -27.31 6.23
CA ARG B 62 -19.97 -26.50 7.09
C ARG B 62 -20.63 -25.39 6.28
N ALA B 63 -21.61 -24.76 6.89
CA ALA B 63 -22.30 -23.69 6.20
C ALA B 63 -22.82 -22.70 7.20
N LEU B 64 -23.02 -21.48 6.70
CA LEU B 64 -23.89 -20.49 7.31
C LEU B 64 -24.72 -19.88 6.21
N CYS B 65 -25.75 -19.15 6.60
CA CYS B 65 -26.63 -18.52 5.63
C CYS B 65 -26.58 -17.02 5.79
N SER B 66 -26.97 -16.30 4.75
CA SER B 66 -27.06 -14.85 4.82
C SER B 66 -28.22 -14.36 3.96
N LEU B 67 -28.65 -13.12 4.26
CA LEU B 67 -29.75 -12.48 3.56
C LEU B 67 -29.68 -10.99 3.82
N GLY B 68 -30.48 -10.25 3.06
CA GLY B 68 -30.84 -8.90 3.43
C GLY B 68 -32.36 -8.77 3.42
N LEU B 69 -32.87 -7.95 4.32
CA LEU B 69 -34.32 -7.89 4.47
C LEU B 69 -34.99 -7.29 3.24
N PRO B 70 -36.07 -7.88 2.74
CA PRO B 70 -36.86 -7.22 1.69
C PRO B 70 -37.57 -5.99 2.25
N GLU B 71 -37.95 -5.10 1.34
CA GLU B 71 -38.45 -3.79 1.77
C GLU B 71 -39.71 -3.94 2.60
N ARG B 72 -40.59 -4.88 2.26
CA ARG B 72 -41.76 -5.11 3.08
C ARG B 72 -41.43 -5.41 4.54
N ALA B 73 -40.14 -5.69 4.83
CA ALA B 73 -39.72 -6.12 6.17
C ALA B 73 -38.48 -5.39 6.68
N TRP B 74 -38.14 -4.22 6.13
CA TRP B 74 -37.02 -3.45 6.67
C TRP B 74 -37.25 -3.19 8.15
N ALA B 75 -36.27 -3.55 8.98
CA ALA B 75 -36.45 -3.53 10.43
C ALA B 75 -36.60 -2.11 10.97
N SER B 76 -36.02 -1.11 10.28
CA SER B 76 -36.02 0.24 10.81
C SER B 76 -37.42 0.81 10.87
N VAL B 77 -38.31 0.29 10.03
CA VAL B 77 -39.64 0.87 9.85
C VAL B 77 -40.76 -0.14 9.95
N ARG B 78 -40.51 -1.42 9.73
CA ARG B 78 -41.52 -2.48 9.81
C ARG B 78 -40.95 -3.61 10.64
N PRO B 79 -40.70 -3.36 11.92
CA PRO B 79 -39.96 -4.34 12.71
C PRO B 79 -40.72 -5.64 12.93
N ASP B 80 -42.04 -5.57 13.08
CA ASP B 80 -42.79 -6.81 13.27
C ASP B 80 -42.66 -7.71 12.05
N ALA B 81 -42.71 -7.14 10.85
CA ALA B 81 -42.54 -7.97 9.68
C ALA B 81 -41.11 -8.46 9.57
N ALA B 82 -40.16 -7.66 10.05
CA ALA B 82 -38.77 -8.09 10.04
C ALA B 82 -38.56 -9.27 10.98
N ILE B 83 -39.20 -9.22 12.14
CA ILE B 83 -39.09 -10.35 13.05
C ILE B 83 -39.65 -11.61 12.40
N GLU B 84 -40.80 -11.49 11.72
CA GLU B 84 -41.42 -12.66 11.07
C GLU B 84 -40.54 -13.21 9.97
N HIS B 85 -39.97 -12.32 9.15
CA HIS B 85 -39.07 -12.76 8.09
C HIS B 85 -37.85 -13.45 8.67
N LEU B 86 -37.31 -12.92 9.76
CA LEU B 86 -36.08 -13.47 10.30
C LEU B 86 -36.32 -14.79 10.99
N LYS B 87 -37.46 -14.95 11.64
CA LYS B 87 -37.71 -16.22 12.30
C LYS B 87 -37.74 -17.33 11.27
N VAL B 88 -38.33 -17.09 10.11
CA VAL B 88 -38.39 -18.12 9.08
C VAL B 88 -36.99 -18.45 8.61
N ALA B 89 -36.15 -17.42 8.42
CA ALA B 89 -34.79 -17.62 7.92
C ALA B 89 -33.94 -18.35 8.95
N ILE B 90 -34.10 -18.02 10.23
CA ILE B 90 -33.37 -18.68 11.30
C ILE B 90 -33.72 -20.17 11.35
N ASP B 91 -35.01 -20.49 11.29
CA ASP B 91 -35.39 -21.88 11.33
C ASP B 91 -34.86 -22.63 10.12
N LYS B 92 -34.99 -22.05 8.93
CA LYS B 92 -34.47 -22.74 7.75
C LYS B 92 -32.96 -22.94 7.88
N THR B 93 -32.26 -21.90 8.37
CA THR B 93 -30.81 -22.02 8.54
C THR B 93 -30.47 -23.15 9.50
N ALA B 94 -31.13 -23.17 10.66
CA ALA B 94 -30.84 -24.21 11.62
C ALA B 94 -31.16 -25.59 11.05
N ASP B 95 -32.26 -25.71 10.31
CA ASP B 95 -32.70 -27.03 9.89
C ASP B 95 -31.81 -27.58 8.78
N LEU B 96 -31.24 -26.72 7.93
CA LEU B 96 -30.36 -27.22 6.89
C LEU B 96 -28.94 -27.49 7.40
N GLY B 97 -28.67 -27.24 8.68
CA GLY B 97 -27.36 -27.51 9.25
C GLY B 97 -26.46 -26.29 9.37
N GLY B 98 -27.01 -25.11 9.15
CA GLY B 98 -26.22 -23.91 9.23
C GLY B 98 -25.94 -23.54 10.65
N GLU B 99 -24.86 -22.80 10.84
CA GLU B 99 -24.42 -22.43 12.16
C GLU B 99 -24.68 -20.99 12.49
N ALA B 100 -25.07 -20.19 11.50
CA ALA B 100 -25.38 -18.80 11.72
C ALA B 100 -26.15 -18.23 10.53
N LEU B 101 -26.90 -17.16 10.80
CA LEU B 101 -27.51 -16.34 9.77
C LEU B 101 -26.91 -14.95 9.88
N SER B 102 -26.31 -14.47 8.80
CA SER B 102 -25.58 -13.22 8.83
C SER B 102 -26.06 -12.37 7.66
N GLY B 103 -25.43 -11.23 7.50
CA GLY B 103 -25.73 -10.36 6.40
C GLY B 103 -26.43 -9.11 6.84
N VAL B 104 -27.21 -8.52 5.95
CA VAL B 104 -28.00 -7.33 6.30
C VAL B 104 -29.31 -7.76 6.95
N ILE B 105 -29.21 -8.33 8.16
CA ILE B 105 -30.38 -8.82 8.88
C ILE B 105 -31.07 -7.74 9.71
N TYR B 106 -30.55 -6.52 9.68
CA TYR B 106 -31.03 -5.36 10.43
C TYR B 106 -31.73 -4.35 9.53
N GLY B 107 -31.83 -4.67 8.24
CA GLY B 107 -32.36 -3.72 7.28
C GLY B 107 -32.23 -4.34 5.92
N GLY B 108 -32.28 -3.51 4.90
CA GLY B 108 -32.23 -3.99 3.54
C GLY B 108 -31.37 -3.10 2.66
N ILE B 109 -30.92 -3.69 1.55
CA ILE B 109 -30.21 -2.90 0.56
C ILE B 109 -31.20 -1.94 -0.07
N GLY B 110 -30.82 -0.67 -0.12
CA GLY B 110 -31.66 0.38 -0.65
C GLY B 110 -32.30 1.31 0.36
N GLU B 111 -32.09 1.10 1.66
CA GLU B 111 -32.57 2.05 2.65
C GLU B 111 -31.75 3.32 2.61
N ARG B 112 -32.45 4.46 2.68
CA ARG B 112 -31.82 5.78 2.62
C ARG B 112 -32.87 6.83 2.91
N THR B 113 -32.69 7.62 3.96
CA THR B 113 -33.61 8.70 4.29
C THR B 113 -33.09 10.05 3.87
N GLY B 114 -31.78 10.17 3.71
CA GLY B 114 -31.17 11.40 3.32
C GLY B 114 -30.60 12.17 4.47
N VAL B 115 -30.77 11.67 5.68
CA VAL B 115 -30.25 12.30 6.90
C VAL B 115 -29.61 11.19 7.72
N PRO B 116 -28.93 11.53 8.82
CA PRO B 116 -28.26 10.49 9.64
C PRO B 116 -29.25 9.51 10.22
N PRO B 117 -28.79 8.30 10.52
CA PRO B 117 -29.64 7.35 11.22
C PRO B 117 -30.05 7.95 12.56
N THR B 118 -31.28 7.65 12.99
CA THR B 118 -31.86 8.22 14.20
C THR B 118 -32.03 7.15 15.27
N GLU B 119 -32.28 7.63 16.50
CA GLU B 119 -32.51 6.71 17.61
C GLU B 119 -33.78 5.91 17.40
N ALA B 120 -34.80 6.50 16.77
CA ALA B 120 -36.02 5.74 16.57
C ALA B 120 -35.76 4.56 15.65
N GLU B 121 -34.99 4.79 14.60
CA GLU B 121 -34.61 3.69 13.71
C GLU B 121 -33.81 2.65 14.46
N TYR B 122 -32.80 3.10 15.21
CA TYR B 122 -31.96 2.13 15.88
C TYR B 122 -32.76 1.38 16.94
N ASP B 123 -33.74 2.04 17.53
CA ASP B 123 -34.58 1.38 18.52
C ASP B 123 -35.35 0.24 17.88
N ASN B 124 -35.90 0.48 16.70
CA ASN B 124 -36.62 -0.57 15.99
C ASN B 124 -35.70 -1.72 15.62
N ILE B 125 -34.51 -1.40 15.12
CA ILE B 125 -33.55 -2.45 14.78
C ILE B 125 -33.21 -3.28 16.01
N ALA B 126 -32.93 -2.60 17.13
CA ALA B 126 -32.56 -3.33 18.34
C ALA B 126 -33.67 -4.26 18.78
N ARG B 127 -34.92 -3.81 18.70
CA ARG B 127 -36.04 -4.68 19.05
C ARG B 127 -36.11 -5.88 18.12
N VAL B 128 -35.90 -5.68 16.83
CA VAL B 128 -35.93 -6.79 15.89
C VAL B 128 -34.78 -7.75 16.20
N LEU B 129 -33.57 -7.23 16.44
CA LEU B 129 -32.44 -8.14 16.64
C LEU B 129 -32.55 -8.88 17.97
N SER B 130 -33.14 -8.26 19.00
CA SER B 130 -33.33 -8.96 20.26
C SER B 130 -34.28 -10.13 20.06
N ALA B 131 -35.39 -9.88 19.35
CA ALA B 131 -36.34 -10.96 19.09
C ALA B 131 -35.67 -12.08 18.32
N ALA B 132 -34.93 -11.71 17.28
CA ALA B 132 -34.33 -12.69 16.39
C ALA B 132 -33.19 -13.43 17.08
N ALA B 133 -32.47 -12.75 17.96
CA ALA B 133 -31.36 -13.42 18.64
C ALA B 133 -31.89 -14.48 19.59
N LYS B 134 -33.00 -14.20 20.25
CA LYS B 134 -33.58 -15.21 21.13
C LYS B 134 -34.09 -16.39 20.31
N HIS B 135 -34.70 -16.13 19.15
CA HIS B 135 -35.10 -17.24 18.30
C HIS B 135 -33.90 -18.05 17.83
N ALA B 136 -32.89 -17.37 17.27
CA ALA B 136 -31.63 -18.03 16.93
C ALA B 136 -31.11 -18.88 18.08
N LYS B 137 -31.05 -18.31 19.28
CA LYS B 137 -30.57 -19.07 20.42
C LYS B 137 -31.40 -20.32 20.64
N SER B 138 -32.72 -20.22 20.47
CA SER B 138 -33.58 -21.40 20.65
C SER B 138 -33.28 -22.50 19.61
N ARG B 139 -32.79 -22.13 18.43
CA ARG B 139 -32.39 -23.12 17.43
C ARG B 139 -30.89 -23.39 17.46
N GLY B 140 -30.15 -22.78 18.38
CA GLY B 140 -28.73 -23.08 18.55
C GLY B 140 -27.79 -22.46 17.54
N ILE B 141 -28.17 -21.34 16.93
CA ILE B 141 -27.34 -20.69 15.93
C ILE B 141 -27.08 -19.26 16.40
N GLU B 142 -26.14 -18.61 15.71
CA GLU B 142 -25.79 -17.23 15.98
C GLU B 142 -26.27 -16.37 14.84
N LEU B 143 -26.41 -15.07 15.12
CA LEU B 143 -26.68 -14.04 14.12
C LEU B 143 -25.42 -13.23 13.87
N GLY B 144 -25.20 -12.86 12.61
CA GLY B 144 -24.14 -11.92 12.24
C GLY B 144 -24.73 -10.63 11.68
N VAL B 145 -24.12 -9.50 12.04
CA VAL B 145 -24.48 -8.20 11.51
C VAL B 145 -23.37 -7.73 10.58
N GLU B 146 -23.68 -7.65 9.27
CA GLU B 146 -22.74 -7.18 8.26
C GLU B 146 -22.84 -5.66 8.06
N ALA B 147 -21.75 -4.98 8.34
CA ALA B 147 -21.61 -3.59 8.03
C ALA B 147 -21.48 -3.45 6.52
N VAL B 148 -22.30 -2.58 5.92
CA VAL B 148 -22.24 -2.32 4.49
C VAL B 148 -22.11 -0.83 4.22
N ASN B 149 -21.73 -0.49 3.00
CA ASN B 149 -21.35 0.88 2.74
C ASN B 149 -22.57 1.81 2.71
N ARG B 150 -22.25 3.10 2.87
CA ARG B 150 -23.22 4.17 2.97
C ARG B 150 -24.32 4.14 1.92
N TYR B 151 -23.99 3.66 0.74
CA TYR B 151 -24.96 3.72 -0.35
C TYR B 151 -25.99 2.60 -0.27
N GLU B 152 -25.67 1.53 0.42
CA GLU B 152 -26.60 0.41 0.44
C GLU B 152 -27.56 0.54 1.60
N ASN B 153 -27.14 1.24 2.63
CA ASN B 153 -27.88 1.33 3.88
C ASN B 153 -27.24 2.41 4.74
N HIS B 154 -28.06 3.24 5.41
CA HIS B 154 -27.53 4.41 6.13
C HIS B 154 -27.36 4.16 7.62
N LEU B 155 -27.55 2.93 8.07
CA LEU B 155 -27.67 2.61 9.48
C LEU B 155 -26.40 2.00 10.07
N ILE B 156 -25.81 0.98 9.44
CA ILE B 156 -24.64 0.30 9.99
C ILE B 156 -23.62 0.20 8.85
N ASN B 157 -22.63 1.12 8.83
CA ASN B 157 -21.64 1.22 7.76
C ASN B 157 -20.22 0.87 8.24
N THR B 158 -19.93 0.94 9.53
CA THR B 158 -18.58 0.71 10.04
C THR B 158 -18.55 -0.39 11.10
N GLY B 159 -17.36 -0.90 11.39
CA GLY B 159 -17.28 -1.85 12.47
C GLY B 159 -17.70 -1.22 13.77
N TRP B 160 -17.36 0.06 13.98
CA TRP B 160 -17.73 0.63 15.26
C TRP B 160 -19.25 0.81 15.36
N GLN B 161 -19.93 1.08 14.26
CA GLN B 161 -21.39 1.14 14.33
C GLN B 161 -21.99 -0.23 14.63
N ALA B 162 -21.43 -1.27 14.03
CA ALA B 162 -21.92 -2.63 14.25
C ALA B 162 -21.74 -3.04 15.70
N VAL B 163 -20.60 -2.68 16.29
CA VAL B 163 -20.35 -3.00 17.68
C VAL B 163 -21.34 -2.26 18.57
N GLN B 164 -21.59 -0.98 18.28
CA GLN B 164 -22.59 -0.25 19.06
C GLN B 164 -23.95 -0.93 19.00
N MET B 165 -24.34 -1.43 17.84
CA MET B 165 -25.64 -2.09 17.80
C MET B 165 -25.62 -3.39 18.59
N ILE B 166 -24.51 -4.11 18.56
CA ILE B 166 -24.42 -5.33 19.35
C ILE B 166 -24.54 -5.00 20.83
N GLU B 167 -23.96 -3.88 21.26
CA GLU B 167 -24.08 -3.47 22.66
C GLU B 167 -25.50 -3.04 23.00
N ARG B 168 -26.13 -2.28 22.11
CA ARG B 168 -27.52 -1.86 22.33
C ARG B 168 -28.47 -3.05 22.43
N VAL B 169 -28.19 -4.14 21.72
CA VAL B 169 -29.07 -5.31 21.80
C VAL B 169 -28.84 -6.09 23.07
N GLY B 170 -27.58 -6.31 23.45
CA GLY B 170 -27.27 -7.01 24.68
C GLY B 170 -27.37 -8.52 24.62
N ALA B 171 -27.49 -9.13 23.44
CA ALA B 171 -27.42 -10.57 23.34
C ALA B 171 -25.97 -11.03 23.43
N ASP B 172 -25.77 -12.33 23.40
CA ASP B 172 -24.43 -12.88 23.36
C ASP B 172 -24.19 -13.72 22.12
N ASN B 173 -25.20 -13.88 21.25
CA ASN B 173 -25.07 -14.72 20.07
C ASN B 173 -25.17 -13.92 18.77
N ILE B 174 -24.89 -12.62 18.82
CA ILE B 174 -24.77 -11.77 17.63
C ILE B 174 -23.32 -11.37 17.46
N PHE B 175 -22.74 -11.61 16.29
CA PHE B 175 -21.36 -11.21 16.05
C PHE B 175 -21.30 -10.17 14.92
N VAL B 176 -20.15 -9.54 14.74
CA VAL B 176 -19.92 -8.65 13.61
C VAL B 176 -19.37 -9.42 12.41
N HIS B 177 -19.83 -9.00 11.25
CA HIS B 177 -19.44 -9.53 9.95
C HIS B 177 -18.96 -8.34 9.16
N LEU B 178 -17.69 -8.35 8.77
CA LEU B 178 -17.15 -7.25 8.02
C LEU B 178 -16.93 -7.72 6.59
N ASP B 179 -16.80 -6.77 5.70
CA ASP B 179 -16.63 -7.06 4.28
C ASP B 179 -15.61 -6.08 3.74
N THR B 180 -14.49 -6.58 3.18
CA THR B 180 -13.41 -5.68 2.83
C THR B 180 -13.82 -4.67 1.76
N TYR B 181 -14.78 -5.03 0.89
CA TYR B 181 -15.24 -4.08 -0.12
C TYR B 181 -15.95 -2.89 0.51
N HIS B 182 -16.73 -3.13 1.56
CA HIS B 182 -17.41 -2.02 2.22
C HIS B 182 -16.43 -1.25 3.09
N MET B 183 -15.55 -1.97 3.77
CA MET B 183 -14.52 -1.32 4.60
C MET B 183 -13.62 -0.43 3.79
N ASN B 184 -13.40 -0.78 2.53
CA ASN B 184 -12.57 -0.01 1.63
C ASN B 184 -13.14 1.38 1.39
N ILE B 185 -14.46 1.52 1.53
CA ILE B 185 -15.09 2.83 1.43
C ILE B 185 -15.25 3.44 2.82
N GLU B 186 -15.65 2.65 3.80
CA GLU B 186 -16.11 3.18 5.06
C GLU B 186 -15.06 3.38 6.14
N GLU B 187 -13.99 2.57 6.19
CA GLU B 187 -13.11 2.62 7.37
C GLU B 187 -11.99 3.63 7.15
N LYS B 188 -11.67 4.37 8.22
CA LYS B 188 -10.63 5.39 8.18
C LYS B 188 -9.30 4.69 8.32
N GLY B 189 -8.87 4.05 7.25
CA GLY B 189 -7.82 3.06 7.33
C GLY B 189 -8.50 1.71 7.50
N VAL B 190 -8.23 0.78 6.59
CA VAL B 190 -9.07 -0.42 6.54
C VAL B 190 -8.92 -1.24 7.83
N GLY B 191 -7.72 -1.28 8.41
CA GLY B 191 -7.56 -2.00 9.66
C GLY B 191 -8.46 -1.52 10.79
N ASN B 192 -8.84 -0.25 10.76
CA ASN B 192 -9.66 0.28 11.84
C ASN B 192 -11.00 -0.43 11.95
N GLY B 193 -11.54 -0.93 10.86
CA GLY B 193 -12.80 -1.65 10.98
C GLY B 193 -12.58 -2.93 11.75
N ILE B 194 -11.44 -3.60 11.48
CA ILE B 194 -11.12 -4.81 12.22
C ILE B 194 -10.80 -4.50 13.66
N LEU B 195 -10.05 -3.43 13.90
CA LEU B 195 -9.71 -3.06 15.26
C LEU B 195 -10.96 -2.77 16.07
N ASP B 196 -11.84 -1.93 15.53
CA ASP B 196 -13.04 -1.54 16.27
C ASP B 196 -13.94 -2.73 16.56
N ALA B 197 -13.99 -3.71 15.66
CA ALA B 197 -14.86 -4.86 15.80
C ALA B 197 -14.22 -6.02 16.53
N ARG B 198 -13.00 -5.86 17.05
CA ARG B 198 -12.19 -7.02 17.37
C ARG B 198 -12.84 -7.94 18.39
N GLU B 199 -13.62 -7.39 19.31
CA GLU B 199 -14.19 -8.24 20.36
C GLU B 199 -15.38 -9.06 19.86
N HIS B 200 -15.85 -8.78 18.67
CA HIS B 200 -17.07 -9.36 18.15
C HIS B 200 -16.93 -9.89 16.74
N LEU B 201 -15.75 -9.80 16.15
CA LEU B 201 -15.56 -10.14 14.76
C LEU B 201 -15.38 -11.64 14.64
N LYS B 202 -16.30 -12.27 13.92
CA LYS B 202 -16.30 -13.71 13.74
C LYS B 202 -16.38 -14.11 12.29
N TYR B 203 -16.49 -13.16 11.37
CA TYR B 203 -16.65 -13.49 9.98
C TYR B 203 -16.26 -12.29 9.13
N ILE B 204 -15.62 -12.54 8.00
CA ILE B 204 -15.21 -11.43 7.14
C ILE B 204 -15.32 -11.87 5.70
N HIS B 205 -15.92 -11.03 4.88
CA HIS B 205 -15.97 -11.20 3.45
C HIS B 205 -14.71 -10.60 2.86
N LEU B 206 -13.96 -11.43 2.16
CA LEU B 206 -12.73 -11.04 1.49
C LEU B 206 -13.12 -10.81 0.05
N SER B 207 -13.34 -9.55 -0.28
CA SER B 207 -13.82 -9.13 -1.59
C SER B 207 -12.96 -7.98 -2.06
N GLU B 208 -12.65 -7.97 -3.34
CA GLU B 208 -11.91 -6.86 -3.89
C GLU B 208 -12.78 -5.59 -3.99
N SER B 209 -12.08 -4.47 -4.06
CA SER B 209 -12.72 -3.16 -4.05
C SER B 209 -13.74 -2.95 -5.16
N ASP B 210 -13.66 -3.71 -6.27
CA ASP B 210 -14.60 -3.61 -7.37
C ASP B 210 -15.50 -4.85 -7.48
N ARG B 211 -15.47 -5.73 -6.47
CA ARG B 211 -16.17 -7.01 -6.43
C ARG B 211 -15.64 -8.02 -7.44
N GLY B 212 -14.46 -7.79 -7.99
CA GLY B 212 -13.86 -8.69 -8.95
C GLY B 212 -12.96 -9.69 -8.29
N THR B 213 -11.66 -9.60 -8.58
CA THR B 213 -10.67 -10.62 -8.23
C THR B 213 -9.81 -10.12 -7.09
N PRO B 214 -9.90 -10.73 -5.91
CA PRO B 214 -9.05 -10.31 -4.79
C PRO B 214 -7.59 -10.32 -5.18
N GLY B 215 -6.87 -9.30 -4.70
CA GLY B 215 -5.49 -9.08 -5.03
C GLY B 215 -5.27 -8.08 -6.15
N TYR B 216 -6.32 -7.74 -6.89
CA TYR B 216 -6.23 -6.93 -8.11
C TYR B 216 -7.24 -5.78 -8.04
N GLY B 217 -7.02 -4.89 -7.10
CA GLY B 217 -7.86 -3.72 -6.98
C GLY B 217 -7.26 -2.69 -6.04
N THR B 218 -8.07 -2.14 -5.14
CA THR B 218 -7.58 -1.09 -4.25
C THR B 218 -7.66 -1.44 -2.78
N CYS B 219 -8.02 -2.68 -2.43
CA CYS B 219 -8.04 -3.05 -1.03
C CYS B 219 -6.59 -3.24 -0.52
N GLY B 220 -6.36 -2.85 0.73
CA GLY B 220 -5.06 -3.02 1.39
C GLY B 220 -4.93 -4.36 2.08
N TRP B 221 -4.71 -5.39 1.27
CA TRP B 221 -4.71 -6.76 1.75
C TRP B 221 -3.66 -7.03 2.83
N ASP B 222 -2.47 -6.43 2.70
CA ASP B 222 -1.46 -6.68 3.72
C ASP B 222 -1.90 -6.13 5.07
N GLU B 223 -2.41 -4.91 5.07
CA GLU B 223 -3.00 -4.35 6.27
C GLU B 223 -4.15 -5.20 6.78
N ILE B 224 -5.03 -5.66 5.89
CA ILE B 224 -6.15 -6.48 6.33
C ILE B 224 -5.66 -7.74 7.02
N PHE B 225 -4.81 -8.48 6.36
CA PHE B 225 -4.39 -9.77 6.92
C PHE B 225 -3.51 -9.60 8.16
N SER B 226 -2.57 -8.64 8.12
CA SER B 226 -1.76 -8.41 9.32
C SER B 226 -2.64 -8.06 10.51
N THR B 227 -3.70 -7.26 10.31
CA THR B 227 -4.52 -6.87 11.44
C THR B 227 -5.39 -8.03 11.94
N LEU B 228 -5.89 -8.88 11.03
CA LEU B 228 -6.64 -10.06 11.45
C LEU B 228 -5.76 -10.96 12.29
N ALA B 229 -4.54 -11.21 11.82
CA ALA B 229 -3.61 -12.02 12.60
C ALA B 229 -3.34 -11.39 13.95
N ALA B 230 -3.20 -10.07 13.98
CA ALA B 230 -2.84 -9.37 15.21
C ALA B 230 -3.95 -9.40 16.25
N ILE B 231 -5.21 -9.46 15.82
CA ILE B 231 -6.27 -9.60 16.80
C ILE B 231 -6.62 -11.05 17.10
N GLY B 232 -5.92 -12.00 16.50
CA GLY B 232 -6.13 -13.40 16.78
C GLY B 232 -7.38 -13.93 16.11
N PHE B 233 -7.72 -13.41 14.94
CA PHE B 233 -8.91 -13.83 14.24
C PHE B 233 -8.86 -15.34 13.97
N LYS B 234 -9.90 -16.03 14.44
CA LYS B 234 -10.07 -17.47 14.24
C LYS B 234 -11.43 -17.79 13.62
N GLY B 235 -12.08 -16.80 13.03
CA GLY B 235 -13.39 -16.96 12.44
C GLY B 235 -13.34 -17.31 10.97
N GLY B 236 -14.44 -17.01 10.28
CA GLY B 236 -14.57 -17.40 8.89
C GLY B 236 -13.96 -16.42 7.90
N LEU B 237 -13.14 -16.93 6.99
CA LEU B 237 -12.56 -16.14 5.90
C LEU B 237 -13.31 -16.56 4.64
N ALA B 238 -14.21 -15.72 4.18
CA ALA B 238 -15.15 -16.07 3.13
C ALA B 238 -14.90 -15.21 1.90
N MET B 239 -14.55 -15.85 0.80
CA MET B 239 -14.37 -15.11 -0.44
C MET B 239 -15.73 -14.74 -1.02
N GLU B 240 -15.87 -13.47 -1.39
CA GLU B 240 -17.07 -12.99 -2.08
C GLU B 240 -16.66 -12.29 -3.35
N SER B 241 -17.25 -12.68 -4.46
CA SER B 241 -17.09 -11.95 -5.70
C SER B 241 -18.44 -11.95 -6.40
N PHE B 242 -18.70 -10.92 -7.22
CA PHE B 242 -19.99 -10.80 -7.90
C PHE B 242 -19.94 -11.40 -9.32
N ILE B 243 -18.83 -12.04 -9.70
CA ILE B 243 -18.74 -12.65 -11.02
C ILE B 243 -19.86 -13.67 -11.16
N ASN B 244 -20.46 -13.73 -12.36
CA ASN B 244 -21.51 -14.68 -12.72
C ASN B 244 -22.76 -14.55 -11.84
N MET B 245 -22.92 -13.41 -11.19
CA MET B 245 -24.15 -13.11 -10.48
C MET B 245 -25.35 -13.17 -11.43
N PRO B 246 -26.45 -13.78 -11.01
CA PRO B 246 -27.71 -13.62 -11.79
C PRO B 246 -27.96 -12.16 -12.08
N PRO B 247 -28.32 -11.80 -13.32
CA PRO B 247 -28.39 -10.38 -13.66
C PRO B 247 -29.25 -9.53 -12.74
N GLU B 248 -30.50 -9.90 -12.48
CA GLU B 248 -31.33 -8.97 -11.72
C GLU B 248 -30.79 -8.80 -10.29
N VAL B 249 -30.18 -9.84 -9.72
CA VAL B 249 -29.54 -9.64 -8.43
C VAL B 249 -28.35 -8.70 -8.56
N ALA B 250 -27.53 -8.88 -9.62
CA ALA B 250 -26.39 -7.99 -9.84
C ALA B 250 -26.86 -6.54 -9.97
N TYR B 251 -27.90 -6.31 -10.79
CA TYR B 251 -28.39 -4.96 -10.98
C TYR B 251 -28.85 -4.36 -9.66
N GLY B 252 -29.46 -5.18 -8.80
CA GLY B 252 -29.81 -4.74 -7.46
C GLY B 252 -28.63 -4.22 -6.65
N LEU B 253 -27.41 -4.69 -6.96
CA LEU B 253 -26.19 -4.32 -6.25
C LEU B 253 -25.33 -3.32 -7.03
N ALA B 254 -25.93 -2.63 -7.99
CA ALA B 254 -25.27 -1.62 -8.79
C ALA B 254 -24.12 -2.20 -9.61
N VAL B 255 -24.24 -3.44 -10.06
CA VAL B 255 -23.30 -3.97 -11.03
C VAL B 255 -23.78 -3.56 -12.40
N TRP B 256 -23.13 -2.59 -13.01
CA TRP B 256 -23.59 -2.08 -14.29
C TRP B 256 -22.78 -2.62 -15.45
N ARG B 257 -21.88 -3.54 -15.16
CA ARG B 257 -20.82 -3.91 -16.08
C ARG B 257 -20.03 -5.04 -15.42
N PRO B 258 -19.28 -5.81 -16.20
CA PRO B 258 -18.61 -6.98 -15.62
C PRO B 258 -17.58 -6.60 -14.57
N VAL B 259 -17.55 -7.38 -13.49
CA VAL B 259 -16.56 -7.13 -12.42
C VAL B 259 -15.23 -7.82 -12.70
N ALA B 260 -15.14 -8.65 -13.73
CA ALA B 260 -14.01 -9.53 -13.96
C ALA B 260 -14.28 -10.28 -15.26
N LYS B 261 -13.23 -10.92 -15.78
CA LYS B 261 -13.40 -11.61 -17.06
C LYS B 261 -14.32 -12.84 -16.94
N ASP B 262 -14.03 -13.72 -15.97
CA ASP B 262 -14.76 -14.98 -15.84
C ASP B 262 -14.41 -15.65 -14.51
N GLU B 263 -15.12 -16.74 -14.19
CA GLU B 263 -14.83 -17.43 -12.94
C GLU B 263 -13.38 -17.90 -12.91
N GLU B 264 -12.79 -18.18 -14.06
CA GLU B 264 -11.42 -18.69 -14.04
C GLU B 264 -10.44 -17.61 -13.60
N GLU B 265 -10.71 -16.36 -13.93
CA GLU B 265 -9.85 -15.28 -13.45
C GLU B 265 -10.05 -15.06 -11.97
N VAL B 266 -11.32 -15.02 -11.54
CA VAL B 266 -11.63 -14.66 -10.16
C VAL B 266 -11.20 -15.77 -9.22
N MET B 267 -11.60 -17.02 -9.49
CA MET B 267 -11.26 -18.09 -8.57
C MET B 267 -9.84 -18.58 -8.77
N GLY B 268 -9.37 -18.58 -10.03
CA GLY B 268 -8.05 -19.08 -10.31
C GLY B 268 -6.95 -18.17 -9.78
N ASN B 269 -7.21 -16.88 -9.68
CA ASN B 269 -6.24 -15.93 -9.18
C ASN B 269 -6.57 -15.41 -7.79
N GLY B 270 -7.84 -15.27 -7.47
CA GLY B 270 -8.24 -14.67 -6.24
C GLY B 270 -8.20 -15.55 -5.03
N LEU B 271 -8.63 -16.81 -5.17
CA LEU B 271 -8.56 -17.69 -4.00
C LEU B 271 -7.11 -17.99 -3.64
N PRO B 272 -6.24 -18.33 -4.59
CA PRO B 272 -4.83 -18.54 -4.22
C PRO B 272 -4.19 -17.31 -3.61
N PHE B 273 -4.52 -16.12 -4.11
CA PHE B 273 -3.99 -14.91 -3.50
C PHE B 273 -4.38 -14.82 -2.03
N LEU B 274 -5.67 -15.04 -1.73
CA LEU B 274 -6.14 -14.94 -0.35
C LEU B 274 -5.61 -16.08 0.51
N ARG B 275 -5.59 -17.29 -0.02
CA ARG B 275 -5.04 -18.36 0.79
C ARG B 275 -3.56 -18.11 1.06
N ASN B 276 -2.87 -17.57 0.07
CA ASN B 276 -1.44 -17.32 0.25
C ASN B 276 -1.20 -16.25 1.32
N LYS B 277 -2.03 -15.18 1.31
CA LYS B 277 -1.90 -14.13 2.29
C LYS B 277 -2.19 -14.64 3.69
N ALA B 278 -3.22 -15.49 3.80
CA ALA B 278 -3.57 -16.08 5.07
C ALA B 278 -2.41 -16.88 5.64
N LYS B 279 -1.71 -17.64 4.79
CA LYS B 279 -0.53 -18.38 5.25
C LYS B 279 0.59 -17.41 5.59
N GLN B 280 0.77 -16.38 4.76
CA GLN B 280 1.84 -15.44 4.96
C GLN B 280 1.76 -14.82 6.34
N TYR B 281 0.57 -14.45 6.77
CA TYR B 281 0.41 -13.76 8.04
C TYR B 281 -0.02 -14.70 9.15
N GLY B 282 -0.01 -16.00 8.89
CA GLY B 282 -0.16 -16.93 9.99
C GLY B 282 -1.55 -17.08 10.53
N LEU B 283 -2.58 -16.81 9.71
CA LEU B 283 -3.93 -17.18 10.08
C LEU B 283 -4.23 -18.64 9.75
N ILE B 284 -3.63 -19.13 8.65
CA ILE B 284 -3.87 -20.46 8.04
C ILE B 284 -5.37 -20.81 8.09
N MET C 1 18.77 -4.36 -25.14
CA MET C 1 18.40 -5.36 -26.19
C MET C 1 16.93 -5.12 -26.62
N THR C 2 16.28 -6.15 -27.19
CA THR C 2 14.85 -6.12 -27.48
C THR C 2 14.07 -6.97 -26.49
N MET C 3 14.71 -7.33 -25.37
CA MET C 3 14.15 -8.32 -24.46
C MET C 3 12.79 -7.84 -24.03
N GLN C 4 11.79 -8.68 -24.22
CA GLN C 4 10.43 -8.41 -23.78
C GLN C 4 9.92 -9.65 -23.07
N GLY C 5 8.78 -9.51 -22.45
CA GLY C 5 8.18 -10.62 -21.78
C GLY C 5 8.84 -10.84 -20.44
N PHE C 6 8.63 -12.07 -19.95
CA PHE C 6 9.01 -12.47 -18.62
C PHE C 6 10.18 -13.44 -18.67
N GLY C 7 11.07 -13.28 -17.71
CA GLY C 7 12.25 -14.12 -17.59
C GLY C 7 12.61 -14.31 -16.14
N VAL C 8 13.67 -15.08 -15.91
CA VAL C 8 14.07 -15.48 -14.56
C VAL C 8 15.59 -15.50 -14.48
N HIS C 9 16.12 -14.88 -13.44
CA HIS C 9 17.54 -15.03 -13.09
C HIS C 9 17.79 -16.45 -12.61
N THR C 10 18.82 -17.11 -13.15
CA THR C 10 18.90 -18.56 -12.98
C THR C 10 19.35 -18.99 -11.58
N SER C 11 19.66 -18.06 -10.67
CA SER C 11 19.81 -18.46 -9.29
C SER C 11 18.55 -19.11 -8.73
N MET C 12 17.40 -18.92 -9.39
CA MET C 12 16.20 -19.65 -9.02
C MET C 12 16.46 -21.16 -8.96
N TRP C 13 17.38 -21.64 -9.80
CA TRP C 13 17.52 -23.07 -10.10
C TRP C 13 18.93 -23.62 -9.98
N THR C 14 19.96 -22.79 -10.05
CA THR C 14 21.31 -23.32 -9.93
C THR C 14 22.25 -22.30 -9.32
N MET C 15 23.20 -22.83 -8.57
CA MET C 15 24.17 -21.98 -7.89
C MET C 15 25.27 -21.52 -8.83
N ASN C 16 25.73 -22.37 -9.75
CA ASN C 16 26.69 -21.94 -10.75
C ASN C 16 26.18 -22.26 -12.14
N TRP C 17 26.64 -21.47 -13.11
CA TRP C 17 26.35 -21.77 -14.51
C TRP C 17 27.40 -22.73 -15.06
N ASP C 18 27.41 -23.94 -14.51
CA ASP C 18 28.20 -25.04 -15.07
C ASP C 18 27.29 -25.88 -15.96
N ARG C 19 27.84 -26.91 -16.59
CA ARG C 19 27.02 -27.67 -17.54
C ARG C 19 25.80 -28.29 -16.87
N PRO C 20 25.91 -29.02 -15.75
CA PRO C 20 24.70 -29.57 -15.15
C PRO C 20 23.73 -28.51 -14.68
N GLY C 21 24.24 -27.36 -14.21
CA GLY C 21 23.36 -26.29 -13.78
C GLY C 21 22.60 -25.67 -14.93
N ALA C 22 23.27 -25.45 -16.05
CA ALA C 22 22.58 -24.97 -17.24
C ALA C 22 21.49 -25.94 -17.65
N GLU C 23 21.78 -27.24 -17.65
CA GLU C 23 20.73 -28.22 -17.93
C GLU C 23 19.54 -28.05 -16.99
N ARG C 24 19.83 -27.95 -15.68
CA ARG C 24 18.77 -27.89 -14.68
C ARG C 24 17.96 -26.61 -14.82
N ALA C 25 18.62 -25.49 -15.12
CA ALA C 25 17.92 -24.22 -15.23
C ALA C 25 17.06 -24.15 -16.47
N VAL C 26 17.61 -24.58 -17.62
CA VAL C 26 16.82 -24.47 -18.83
C VAL C 26 15.60 -25.38 -18.73
N ALA C 27 15.77 -26.56 -18.12
CA ALA C 27 14.64 -27.47 -17.94
C ALA C 27 13.58 -26.85 -17.04
N ALA C 28 13.98 -26.20 -15.96
CA ALA C 28 13.00 -25.53 -15.10
C ALA C 28 12.33 -24.36 -15.83
N ALA C 29 13.10 -23.59 -16.60
CA ALA C 29 12.50 -22.46 -17.26
C ALA C 29 11.41 -22.90 -18.21
N LEU C 30 11.52 -24.11 -18.71
CA LEU C 30 10.58 -24.57 -19.72
C LEU C 30 9.26 -24.97 -19.10
N LYS C 31 9.27 -25.50 -17.89
CA LYS C 31 8.02 -25.83 -17.23
C LYS C 31 7.26 -24.58 -16.78
N TYR C 32 7.85 -23.39 -16.86
CA TYR C 32 7.12 -22.18 -16.49
C TYR C 32 6.80 -21.28 -17.67
N GLU C 33 7.29 -21.62 -18.86
CA GLU C 33 6.88 -20.92 -20.08
C GLU C 33 7.32 -19.45 -20.05
N VAL C 34 8.51 -19.21 -19.52
CA VAL C 34 9.05 -17.86 -19.55
C VAL C 34 9.70 -17.66 -20.90
N ASP C 35 10.01 -16.42 -21.22
CA ASP C 35 10.55 -16.08 -22.52
C ASP C 35 12.06 -16.08 -22.54
N PHE C 36 12.70 -15.82 -21.40
CA PHE C 36 14.14 -15.72 -21.36
C PHE C 36 14.63 -16.03 -19.96
N ILE C 37 15.93 -16.27 -19.87
CA ILE C 37 16.63 -16.47 -18.60
C ILE C 37 17.80 -15.51 -18.56
N GLU C 38 18.20 -15.19 -17.34
CA GLU C 38 19.31 -14.30 -17.08
C GLU C 38 20.38 -15.14 -16.42
N ILE C 39 21.55 -15.20 -17.06
CA ILE C 39 22.61 -16.15 -16.72
C ILE C 39 23.75 -15.39 -16.08
N PRO C 40 24.12 -15.72 -14.85
CA PRO C 40 25.27 -15.05 -14.24
C PRO C 40 26.56 -15.32 -15.03
N MET C 41 27.37 -14.28 -15.17
CA MET C 41 28.65 -14.38 -15.87
C MET C 41 29.75 -14.08 -14.86
N LEU C 42 29.84 -14.92 -13.81
CA LEU C 42 30.76 -14.69 -12.70
C LEU C 42 32.14 -15.31 -12.93
N ASN C 43 32.20 -16.43 -13.64
CA ASN C 43 33.47 -17.07 -13.99
C ASN C 43 33.46 -17.26 -15.50
N PRO C 44 33.75 -16.21 -16.26
CA PRO C 44 33.60 -16.30 -17.73
C PRO C 44 34.35 -17.47 -18.33
N PRO C 45 35.62 -17.69 -17.98
CA PRO C 45 36.37 -18.81 -18.60
C PRO C 45 35.76 -20.16 -18.35
N ALA C 46 34.90 -20.27 -17.35
CA ALA C 46 34.31 -21.53 -16.97
C ALA C 46 32.99 -21.80 -17.65
N VAL C 47 32.45 -20.86 -18.43
CA VAL C 47 31.16 -21.08 -19.08
C VAL C 47 31.38 -21.85 -20.37
N ASP C 48 30.64 -22.95 -20.54
CA ASP C 48 30.63 -23.74 -21.77
C ASP C 48 29.57 -23.12 -22.68
N THR C 49 30.02 -22.22 -23.54
CA THR C 49 29.07 -21.43 -24.32
C THR C 49 28.37 -22.25 -25.39
N GLU C 50 29.06 -23.24 -25.96
CA GLU C 50 28.41 -24.07 -26.99
C GLU C 50 27.30 -24.91 -26.38
N HIS C 51 27.53 -25.44 -25.19
CA HIS C 51 26.51 -26.22 -24.50
C HIS C 51 25.31 -25.35 -24.20
N THR C 52 25.56 -24.16 -23.67
CA THR C 52 24.45 -23.30 -23.28
C THR C 52 23.67 -22.87 -24.51
N ARG C 53 24.37 -22.44 -25.56
CA ARG C 53 23.68 -22.01 -26.77
C ARG C 53 22.78 -23.11 -27.33
N ALA C 54 23.29 -24.34 -27.40
CA ALA C 54 22.46 -25.45 -27.86
C ALA C 54 21.20 -25.58 -27.01
N LEU C 55 21.34 -25.49 -25.67
CA LEU C 55 20.18 -25.59 -24.81
C LEU C 55 19.20 -24.46 -25.10
N LEU C 56 19.71 -23.23 -25.21
CA LEU C 56 18.82 -22.09 -25.42
C LEU C 56 18.05 -22.22 -26.72
N GLU C 57 18.75 -22.56 -27.80
CA GLU C 57 18.10 -22.62 -29.11
C GLU C 57 17.15 -23.80 -29.19
N LYS C 58 17.53 -24.94 -28.62
CA LYS C 58 16.66 -26.10 -28.62
C LYS C 58 15.34 -25.79 -27.96
N ASN C 59 15.36 -25.11 -26.81
CA ASN C 59 14.14 -24.82 -26.07
C ASN C 59 13.60 -23.43 -26.37
N GLU C 60 14.02 -22.81 -27.47
CA GLU C 60 13.52 -21.51 -27.92
C GLU C 60 13.48 -20.49 -26.79
N LEU C 61 14.60 -20.39 -26.08
CA LEU C 61 14.75 -19.44 -24.99
C LEU C 61 15.73 -18.35 -25.39
N ARG C 62 15.39 -17.12 -25.04
CA ARG C 62 16.35 -16.05 -25.16
C ARG C 62 17.13 -15.92 -23.85
N ALA C 63 18.20 -15.15 -23.88
CA ALA C 63 18.98 -14.98 -22.66
C ALA C 63 19.75 -13.67 -22.68
N LEU C 64 20.09 -13.22 -21.49
CA LEU C 64 21.10 -12.21 -21.30
C LEU C 64 21.94 -12.67 -20.13
N CYS C 65 23.03 -11.96 -19.87
CA CYS C 65 23.91 -12.29 -18.78
C CYS C 65 24.02 -11.10 -17.85
N SER C 66 24.38 -11.39 -16.61
CA SER C 66 24.67 -10.31 -15.68
C SER C 66 25.84 -10.70 -14.80
N LEU C 67 26.40 -9.71 -14.10
CA LEU C 67 27.51 -9.99 -13.20
C LEU C 67 27.69 -8.83 -12.24
N GLY C 68 28.57 -9.07 -11.27
CA GLY C 68 29.25 -8.00 -10.56
C GLY C 68 30.73 -8.23 -10.79
N LEU C 69 31.47 -7.14 -10.82
CA LEU C 69 32.93 -7.25 -11.02
C LEU C 69 33.61 -7.78 -9.76
N PRO C 70 34.60 -8.65 -9.89
CA PRO C 70 35.37 -9.05 -8.72
C PRO C 70 36.31 -7.93 -8.31
N GLU C 71 36.71 -7.95 -7.05
CA GLU C 71 37.47 -6.83 -6.50
C GLU C 71 38.75 -6.57 -7.28
N ARG C 72 39.39 -7.61 -7.81
CA ARG C 72 40.61 -7.39 -8.58
C ARG C 72 40.34 -6.51 -9.79
N ALA C 73 39.07 -6.38 -10.18
CA ALA C 73 38.75 -5.64 -11.40
C ALA C 73 37.66 -4.58 -11.17
N TRP C 74 37.55 -4.05 -9.95
CA TRP C 74 36.55 -3.02 -9.74
C TRP C 74 36.87 -1.76 -10.55
N ALA C 75 35.91 -1.32 -11.36
CA ALA C 75 36.14 -0.23 -12.30
C ALA C 75 36.48 1.07 -11.59
N SER C 76 35.96 1.25 -10.36
CA SER C 76 36.21 2.43 -9.53
C SER C 76 37.69 2.75 -9.40
N VAL C 77 38.53 1.73 -9.33
CA VAL C 77 39.88 1.87 -8.77
C VAL C 77 40.90 1.11 -9.60
N ARG C 78 40.48 0.07 -10.31
CA ARG C 78 41.34 -0.71 -11.20
C ARG C 78 40.68 -0.76 -12.57
N PRO C 79 40.58 0.38 -13.24
CA PRO C 79 39.79 0.42 -14.47
C PRO C 79 40.37 -0.40 -15.60
N ASP C 80 41.69 -0.56 -15.69
CA ASP C 80 42.20 -1.33 -16.81
C ASP C 80 41.93 -2.80 -16.62
N ALA C 81 42.06 -3.30 -15.40
CA ALA C 81 41.61 -4.65 -15.11
C ALA C 81 40.11 -4.82 -15.37
N ALA C 82 39.32 -3.78 -15.11
CA ALA C 82 37.88 -3.90 -15.33
C ALA C 82 37.56 -3.99 -16.83
N ILE C 83 38.27 -3.21 -17.63
CA ILE C 83 38.01 -3.29 -19.06
C ILE C 83 38.31 -4.68 -19.57
N GLU C 84 39.45 -5.25 -19.13
CA GLU C 84 39.81 -6.59 -19.59
C GLU C 84 38.81 -7.62 -19.12
N HIS C 85 38.38 -7.54 -17.87
CA HIS C 85 37.40 -8.52 -17.39
C HIS C 85 36.09 -8.40 -18.17
N LEU C 86 35.63 -7.17 -18.39
CA LEU C 86 34.36 -6.99 -19.08
C LEU C 86 34.43 -7.46 -20.52
N LYS C 87 35.61 -7.33 -21.15
CA LYS C 87 35.76 -7.82 -22.52
C LYS C 87 35.60 -9.32 -22.59
N VAL C 88 36.22 -10.04 -21.66
CA VAL C 88 36.04 -11.48 -21.61
C VAL C 88 34.57 -11.83 -21.37
N ALA C 89 33.93 -11.13 -20.43
CA ALA C 89 32.53 -11.44 -20.13
C ALA C 89 31.61 -11.14 -21.30
N ILE C 90 31.88 -10.06 -22.01
CA ILE C 90 31.10 -9.72 -23.18
C ILE C 90 31.23 -10.81 -24.23
N ASP C 91 32.46 -11.24 -24.49
CA ASP C 91 32.64 -12.26 -25.51
C ASP C 91 31.91 -13.53 -25.14
N LYS C 92 31.97 -13.94 -23.87
CA LYS C 92 31.29 -15.17 -23.49
C LYS C 92 29.78 -15.01 -23.61
N THR C 93 29.26 -13.86 -23.21
CA THR C 93 27.83 -13.61 -23.37
C THR C 93 27.44 -13.69 -24.85
N ALA C 94 28.19 -13.00 -25.69
CA ALA C 94 27.89 -13.06 -27.12
C ALA C 94 27.96 -14.51 -27.62
N ASP C 95 29.00 -15.24 -27.23
CA ASP C 95 29.20 -16.60 -27.70
C ASP C 95 28.03 -17.52 -27.37
N LEU C 96 27.45 -17.38 -26.18
CA LEU C 96 26.38 -18.27 -25.79
C LEU C 96 25.03 -17.81 -26.31
N GLY C 97 24.97 -16.71 -27.03
CA GLY C 97 23.73 -16.26 -27.61
C GLY C 97 23.00 -15.24 -26.78
N GLY C 98 23.62 -14.77 -25.69
CA GLY C 98 22.98 -13.77 -24.86
C GLY C 98 22.97 -12.42 -25.54
N GLU C 99 21.99 -11.60 -25.19
CA GLU C 99 21.75 -10.37 -25.94
C GLU C 99 22.23 -9.13 -25.21
N ALA C 100 22.63 -9.25 -23.96
CA ALA C 100 23.11 -8.11 -23.23
C ALA C 100 23.92 -8.64 -22.08
N LEU C 101 24.76 -7.77 -21.54
CA LEU C 101 25.47 -8.01 -20.29
C LEU C 101 25.08 -6.88 -19.35
N SER C 102 24.41 -7.23 -18.26
CA SER C 102 23.88 -6.22 -17.36
C SER C 102 24.29 -6.49 -15.91
N GLY C 103 23.71 -5.73 -14.99
CA GLY C 103 24.01 -5.88 -13.59
C GLY C 103 24.99 -4.84 -13.10
N VAL C 104 25.85 -5.22 -12.15
CA VAL C 104 26.83 -4.32 -11.56
C VAL C 104 28.08 -4.42 -12.38
N ILE C 105 28.00 -3.92 -13.61
CA ILE C 105 29.14 -4.01 -14.52
C ILE C 105 30.15 -2.91 -14.27
N TYR C 106 29.85 -2.00 -13.34
CA TYR C 106 30.66 -0.86 -13.05
C TYR C 106 31.38 -1.00 -11.71
N GLY C 107 31.21 -2.12 -11.02
CA GLY C 107 31.76 -2.24 -9.70
C GLY C 107 31.42 -3.58 -9.08
N GLY C 108 31.63 -3.65 -7.78
CA GLY C 108 31.50 -4.89 -7.05
C GLY C 108 30.18 -5.00 -6.31
N ILE C 109 29.69 -6.22 -6.21
CA ILE C 109 28.59 -6.50 -5.32
C ILE C 109 29.22 -6.63 -3.94
N GLY C 110 28.97 -5.64 -3.10
CA GLY C 110 29.64 -5.51 -1.84
C GLY C 110 30.76 -4.51 -1.84
N GLU C 111 30.83 -3.66 -2.86
CA GLU C 111 31.89 -2.69 -2.93
C GLU C 111 31.55 -1.47 -2.11
N ARG C 112 32.54 -0.99 -1.38
CA ARG C 112 32.35 0.11 -0.44
C ARG C 112 33.72 0.63 -0.09
N THR C 113 33.91 1.96 -0.19
CA THR C 113 35.16 2.56 0.26
C THR C 113 35.09 2.99 1.72
N GLY C 114 33.87 3.15 2.24
CA GLY C 114 33.64 3.73 3.54
C GLY C 114 33.26 5.18 3.50
N VAL C 115 33.40 5.84 2.34
CA VAL C 115 33.05 7.25 2.19
C VAL C 115 32.23 7.39 0.89
N PRO C 116 31.55 8.54 0.75
CA PRO C 116 30.73 8.75 -0.43
C PRO C 116 31.55 8.64 -1.70
N PRO C 117 30.92 8.31 -2.82
CA PRO C 117 31.62 8.19 -4.10
C PRO C 117 32.19 9.52 -4.56
N THR C 118 33.34 9.43 -5.23
CA THR C 118 34.04 10.62 -5.68
C THR C 118 34.01 10.74 -7.20
N GLU C 119 34.32 11.94 -7.69
CA GLU C 119 34.40 12.15 -9.13
C GLU C 119 35.51 11.31 -9.75
N ALA C 120 36.61 11.09 -9.01
CA ALA C 120 37.66 10.24 -9.55
C ALA C 120 37.13 8.85 -9.87
N GLU C 121 36.27 8.33 -9.00
CA GLU C 121 35.69 7.00 -9.22
C GLU C 121 34.74 6.99 -10.41
N TYR C 122 33.87 8.00 -10.49
CA TYR C 122 32.94 8.05 -11.61
C TYR C 122 33.65 8.26 -12.93
N ASP C 123 34.77 8.96 -12.90
CA ASP C 123 35.53 9.17 -14.12
C ASP C 123 36.12 7.86 -14.61
N ASN C 124 36.73 7.10 -13.70
CA ASN C 124 37.24 5.78 -14.04
C ASN C 124 36.13 4.90 -14.60
N ILE C 125 34.97 4.90 -13.95
CA ILE C 125 33.86 4.05 -14.40
C ILE C 125 33.46 4.43 -15.80
N ALA C 126 33.28 5.73 -16.04
CA ALA C 126 32.88 6.20 -17.36
C ALA C 126 33.85 5.71 -18.43
N ARG C 127 35.14 5.77 -18.15
CA ARG C 127 36.13 5.33 -19.13
C ARG C 127 36.00 3.84 -19.39
N VAL C 128 35.81 3.07 -18.32
CA VAL C 128 35.63 1.63 -18.45
C VAL C 128 34.40 1.32 -19.27
N LEU C 129 33.27 1.96 -18.94
CA LEU C 129 32.05 1.65 -19.65
C LEU C 129 32.10 2.08 -21.11
N SER C 130 32.78 3.19 -21.41
CA SER C 130 32.95 3.58 -22.82
C SER C 130 33.65 2.48 -23.59
N ALA C 131 34.80 2.04 -23.06
CA ALA C 131 35.55 0.97 -23.69
C ALA C 131 34.73 -0.31 -23.77
N ALA C 132 34.06 -0.68 -22.68
CA ALA C 132 33.24 -1.88 -22.70
C ALA C 132 32.10 -1.76 -23.69
N ALA C 133 31.50 -0.57 -23.80
CA ALA C 133 30.39 -0.38 -24.74
C ALA C 133 30.82 -0.52 -26.19
N LYS C 134 32.01 -0.02 -26.52
CA LYS C 134 32.56 -0.26 -27.86
C LYS C 134 32.76 -1.75 -28.11
N HIS C 135 33.28 -2.46 -27.13
CA HIS C 135 33.49 -3.87 -27.38
C HIS C 135 32.17 -4.62 -27.46
N ALA C 136 31.18 -4.27 -26.62
CA ALA C 136 29.86 -4.85 -26.78
C ALA C 136 29.34 -4.61 -28.19
N LYS C 137 29.44 -3.37 -28.66
CA LYS C 137 28.98 -3.06 -30.00
C LYS C 137 29.62 -3.98 -31.01
N SER C 138 30.95 -4.20 -30.90
CA SER C 138 31.62 -5.08 -31.86
C SER C 138 31.08 -6.51 -31.83
N ARG C 139 30.47 -6.95 -30.72
CA ARG C 139 29.94 -8.29 -30.64
C ARG C 139 28.42 -8.33 -30.76
N GLY C 140 27.77 -7.20 -31.02
CA GLY C 140 26.34 -7.21 -31.24
C GLY C 140 25.47 -7.27 -30.02
N ILE C 141 25.95 -6.86 -28.85
CA ILE C 141 25.12 -6.91 -27.65
C ILE C 141 25.12 -5.55 -26.99
N GLU C 142 24.20 -5.38 -26.04
CA GLU C 142 24.10 -4.14 -25.29
C GLU C 142 24.66 -4.36 -23.89
N LEU C 143 24.91 -3.26 -23.18
CA LEU C 143 25.24 -3.30 -21.77
C LEU C 143 24.14 -2.67 -20.93
N GLY C 144 23.93 -3.23 -19.76
CA GLY C 144 23.00 -2.67 -18.78
C GLY C 144 23.72 -2.28 -17.50
N VAL C 145 23.28 -1.20 -16.89
CA VAL C 145 23.78 -0.69 -15.62
C VAL C 145 22.65 -0.82 -14.62
N GLU C 146 22.81 -1.71 -13.64
CA GLU C 146 21.81 -1.94 -12.61
C GLU C 146 22.14 -1.11 -11.39
N ALA C 147 21.17 -0.30 -10.93
CA ALA C 147 21.31 0.40 -9.67
C ALA C 147 21.04 -0.59 -8.54
N VAL C 148 21.92 -0.60 -7.54
CA VAL C 148 21.80 -1.50 -6.40
C VAL C 148 21.87 -0.69 -5.11
N ASN C 149 21.47 -1.30 -4.00
CA ASN C 149 21.31 -0.52 -2.80
C ASN C 149 22.67 -0.18 -2.20
N ARG C 150 22.61 0.79 -1.29
CA ARG C 150 23.80 1.38 -0.67
C ARG C 150 24.74 0.36 -0.05
N TYR C 151 24.20 -0.76 0.40
CA TYR C 151 25.03 -1.73 1.07
C TYR C 151 25.77 -2.65 0.11
N GLU C 152 25.33 -2.73 -1.13
CA GLU C 152 26.00 -3.52 -2.13
C GLU C 152 26.96 -2.72 -2.98
N ASN C 153 26.74 -1.42 -3.12
CA ASN C 153 27.65 -0.61 -3.91
C ASN C 153 27.47 0.82 -3.47
N HIS C 154 28.53 1.60 -3.50
CA HIS C 154 28.39 2.98 -3.06
C HIS C 154 28.27 3.97 -4.20
N LEU C 155 28.31 3.51 -5.45
CA LEU C 155 28.45 4.41 -6.60
C LEU C 155 27.13 4.69 -7.34
N ILE C 156 26.31 3.69 -7.62
CA ILE C 156 25.09 3.86 -8.38
C ILE C 156 23.97 3.13 -7.65
N ASN C 157 23.07 3.89 -7.03
CA ASN C 157 22.09 3.33 -6.14
C ASN C 157 20.67 3.64 -6.55
N THR C 158 20.45 4.63 -7.40
CA THR C 158 19.15 5.10 -7.78
C THR C 158 19.04 5.15 -9.29
N GLY C 159 17.80 5.16 -9.77
CA GLY C 159 17.59 5.36 -11.18
C GLY C 159 18.21 6.65 -11.67
N TRP C 160 18.17 7.69 -10.84
CA TRP C 160 18.70 8.96 -11.33
C TRP C 160 20.23 8.89 -11.46
N GLN C 161 20.90 8.21 -10.54
CA GLN C 161 22.35 8.05 -10.66
C GLN C 161 22.72 7.19 -11.86
N ALA C 162 21.95 6.14 -12.12
CA ALA C 162 22.23 5.28 -13.25
C ALA C 162 22.13 6.06 -14.56
N VAL C 163 21.07 6.86 -14.71
CA VAL C 163 20.90 7.68 -15.90
C VAL C 163 22.03 8.70 -16.02
N GLN C 164 22.47 9.26 -14.88
CA GLN C 164 23.57 10.22 -14.94
C GLN C 164 24.85 9.57 -15.47
N MET C 165 25.08 8.30 -15.15
CA MET C 165 26.27 7.63 -15.68
C MET C 165 26.09 7.30 -17.15
N ILE C 166 24.90 6.87 -17.54
CA ILE C 166 24.64 6.57 -18.94
C ILE C 166 24.82 7.83 -19.77
N GLU C 167 24.39 8.96 -19.25
CA GLU C 167 24.56 10.20 -20.00
C GLU C 167 26.01 10.68 -19.93
N ARG C 168 26.75 10.40 -18.85
CA ARG C 168 28.18 10.74 -18.76
C ARG C 168 29.02 9.95 -19.76
N VAL C 169 28.68 8.66 -19.95
CA VAL C 169 29.42 7.82 -20.88
C VAL C 169 29.14 8.23 -22.31
N GLY C 170 27.87 8.56 -22.60
CA GLY C 170 27.51 9.04 -23.92
C GLY C 170 27.51 7.98 -24.97
N ALA C 171 27.45 6.72 -24.57
CA ALA C 171 27.31 5.64 -25.53
C ALA C 171 25.86 5.57 -26.01
N ASP C 172 25.62 4.70 -26.98
CA ASP C 172 24.28 4.49 -27.48
C ASP C 172 23.77 3.07 -27.24
N ASN C 173 24.52 2.21 -26.55
CA ASN C 173 24.10 0.83 -26.37
C ASN C 173 24.13 0.41 -24.90
N ILE C 174 24.00 1.38 -23.99
CA ILE C 174 23.93 1.11 -22.56
C ILE C 174 22.57 1.56 -22.07
N PHE C 175 21.87 0.68 -21.38
CA PHE C 175 20.53 0.94 -20.86
C PHE C 175 20.56 0.85 -19.35
N VAL C 176 19.49 1.32 -18.72
CA VAL C 176 19.35 1.24 -17.28
C VAL C 176 18.55 0.01 -16.92
N HIS C 177 18.95 -0.59 -15.81
CA HIS C 177 18.39 -1.81 -15.27
C HIS C 177 18.02 -1.50 -13.83
N LEU C 178 16.72 -1.58 -13.50
CA LEU C 178 16.28 -1.31 -12.13
C LEU C 178 15.94 -2.61 -11.44
N ASP C 179 15.87 -2.55 -10.11
CA ASP C 179 15.55 -3.74 -9.33
C ASP C 179 14.67 -3.35 -8.17
N THR C 180 13.47 -3.94 -8.08
CA THR C 180 12.49 -3.47 -7.11
C THR C 180 12.95 -3.73 -5.68
N TYR C 181 13.77 -4.78 -5.45
CA TYR C 181 14.38 -4.98 -4.14
C TYR C 181 15.30 -3.83 -3.75
N HIS C 182 16.07 -3.34 -4.72
CA HIS C 182 16.97 -2.24 -4.41
C HIS C 182 16.21 -0.93 -4.35
N MET C 183 15.21 -0.78 -5.22
CA MET C 183 14.42 0.44 -5.20
C MET C 183 13.64 0.57 -3.92
N ASN C 184 13.19 -0.56 -3.38
CA ASN C 184 12.49 -0.58 -2.11
C ASN C 184 13.29 0.09 -0.99
N ILE C 185 14.63 0.02 -1.08
CA ILE C 185 15.52 0.71 -0.15
C ILE C 185 15.87 2.11 -0.63
N GLU C 186 16.18 2.31 -1.92
CA GLU C 186 16.85 3.53 -2.34
C GLU C 186 15.96 4.65 -2.86
N GLU C 187 14.80 4.32 -3.44
CA GLU C 187 14.01 5.32 -4.15
C GLU C 187 13.04 5.95 -3.16
N LYS C 188 12.85 7.25 -3.32
CA LYS C 188 12.00 8.01 -2.40
C LYS C 188 10.58 7.91 -2.94
N GLY C 189 9.98 6.74 -2.75
CA GLY C 189 8.79 6.35 -3.47
C GLY C 189 9.23 5.55 -4.68
N VAL C 190 8.80 4.30 -4.76
CA VAL C 190 9.42 3.37 -5.71
C VAL C 190 9.23 3.84 -7.15
N GLY C 191 8.07 4.42 -7.46
CA GLY C 191 7.84 4.88 -8.82
C GLY C 191 8.82 5.95 -9.30
N ASN C 192 9.41 6.71 -8.37
CA ASN C 192 10.38 7.73 -8.77
C ASN C 192 11.60 7.16 -9.48
N GLY C 193 12.02 5.97 -9.11
CA GLY C 193 13.13 5.35 -9.81
C GLY C 193 12.76 5.02 -11.23
N ILE C 194 11.53 4.56 -11.45
CA ILE C 194 11.08 4.24 -12.79
C ILE C 194 10.96 5.53 -13.60
N LEU C 195 10.37 6.56 -12.98
CA LEU C 195 10.21 7.84 -13.64
C LEU C 195 11.57 8.41 -14.02
N ASP C 196 12.48 8.45 -13.05
CA ASP C 196 13.79 9.02 -13.32
C ASP C 196 14.52 8.29 -14.45
N ALA C 197 14.31 6.98 -14.58
CA ALA C 197 15.04 6.17 -15.52
C ALA C 197 14.31 5.98 -16.85
N ARG C 198 13.13 6.58 -17.01
CA ARG C 198 12.20 6.13 -18.05
C ARG C 198 12.82 6.15 -19.44
N GLU C 199 13.68 7.14 -19.76
CA GLU C 199 14.20 7.22 -21.15
C GLU C 199 15.21 6.11 -21.46
N HIS C 200 15.77 5.47 -20.44
CA HIS C 200 16.82 4.47 -20.66
C HIS C 200 16.47 3.10 -20.13
N LEU C 201 15.28 2.93 -19.55
CA LEU C 201 14.92 1.72 -18.83
C LEU C 201 14.51 0.62 -19.79
N LYS C 202 15.25 -0.48 -19.79
CA LYS C 202 14.95 -1.60 -20.68
C LYS C 202 14.79 -2.91 -19.94
N TYR C 203 14.99 -2.93 -18.63
CA TYR C 203 15.02 -4.21 -17.95
C TYR C 203 14.74 -3.93 -16.50
N ILE C 204 13.93 -4.77 -15.87
CA ILE C 204 13.69 -4.59 -14.46
C ILE C 204 13.61 -5.94 -13.78
N HIS C 205 14.29 -6.04 -12.65
CA HIS C 205 14.16 -7.16 -11.73
C HIS C 205 12.96 -6.91 -10.84
N LEU C 206 11.94 -7.74 -11.01
CA LEU C 206 10.77 -7.74 -10.13
C LEU C 206 11.09 -8.70 -8.99
N SER C 207 11.82 -8.19 -8.02
CA SER C 207 12.32 -8.99 -6.90
C SER C 207 11.63 -8.49 -5.63
N GLU C 208 11.19 -9.41 -4.80
CA GLU C 208 10.55 -9.00 -3.54
C GLU C 208 11.57 -8.38 -2.58
N SER C 209 11.02 -7.62 -1.64
CA SER C 209 11.79 -6.86 -0.68
C SER C 209 12.78 -7.69 0.12
N ASP C 210 12.48 -8.97 0.36
CA ASP C 210 13.40 -9.85 1.09
C ASP C 210 14.03 -10.93 0.19
N ARG C 211 14.00 -10.70 -1.13
CA ARG C 211 14.42 -11.62 -2.19
C ARG C 211 13.56 -12.87 -2.27
N GLY C 212 12.40 -12.84 -1.63
CA GLY C 212 11.50 -13.98 -1.59
C GLY C 212 10.52 -14.01 -2.73
N THR C 213 9.26 -14.25 -2.41
CA THR C 213 8.24 -14.46 -3.43
C THR C 213 7.56 -13.14 -3.74
N PRO C 214 7.64 -12.65 -4.95
CA PRO C 214 6.93 -11.42 -5.31
C PRO C 214 5.43 -11.54 -5.00
N GLY C 215 4.94 -10.50 -4.34
CA GLY C 215 3.57 -10.39 -3.89
C GLY C 215 3.43 -10.56 -2.41
N TYR C 216 4.49 -11.00 -1.73
CA TYR C 216 4.51 -11.40 -0.32
C TYR C 216 5.70 -10.76 0.40
N GLY C 217 5.88 -9.46 0.20
CA GLY C 217 6.84 -8.67 0.97
C GLY C 217 6.37 -7.26 1.17
N THR C 218 7.28 -6.30 0.99
CA THR C 218 6.94 -4.91 1.21
C THR C 218 7.07 -4.06 -0.04
N CYS C 219 7.32 -4.67 -1.21
CA CYS C 219 7.41 -3.83 -2.41
C CYS C 219 6.02 -3.34 -2.79
N GLY C 220 5.97 -2.12 -3.33
CA GLY C 220 4.68 -1.55 -3.70
C GLY C 220 4.30 -1.89 -5.13
N TRP C 221 3.77 -3.09 -5.33
CA TRP C 221 3.67 -3.64 -6.69
C TRP C 221 2.70 -2.84 -7.55
N ASP C 222 1.61 -2.37 -6.97
CA ASP C 222 0.65 -1.63 -7.78
C ASP C 222 1.25 -0.32 -8.27
N GLU C 223 2.00 0.37 -7.41
CA GLU C 223 2.71 1.56 -7.85
C GLU C 223 3.70 1.20 -8.95
N ILE C 224 4.45 0.13 -8.73
CA ILE C 224 5.47 -0.29 -9.70
C ILE C 224 4.83 -0.56 -11.05
N PHE C 225 3.77 -1.38 -11.06
CA PHE C 225 3.18 -1.78 -12.34
C PHE C 225 2.43 -0.64 -13.01
N SER C 226 1.70 0.16 -12.23
CA SER C 226 1.06 1.34 -12.82
C SER C 226 2.08 2.28 -13.45
N THR C 227 3.22 2.50 -12.77
CA THR C 227 4.19 3.43 -13.33
C THR C 227 4.86 2.84 -14.57
N LEU C 228 5.18 1.54 -14.55
CA LEU C 228 5.72 0.89 -15.74
C LEU C 228 4.74 0.99 -16.90
N ALA C 229 3.44 0.78 -16.66
CA ALA C 229 2.47 0.95 -17.73
C ALA C 229 2.48 2.39 -18.21
N ALA C 230 2.59 3.33 -17.27
CA ALA C 230 2.43 4.74 -17.62
C ALA C 230 3.60 5.24 -18.48
N ILE C 231 4.81 4.73 -18.23
CA ILE C 231 5.94 5.16 -19.04
C ILE C 231 6.06 4.37 -20.35
N GLY C 232 5.17 3.41 -20.60
CA GLY C 232 5.24 2.61 -21.81
C GLY C 232 6.31 1.54 -21.79
N PHE C 233 6.64 1.01 -20.60
CA PHE C 233 7.69 0.02 -20.50
C PHE C 233 7.40 -1.17 -21.41
N LYS C 234 8.43 -1.56 -22.16
CA LYS C 234 8.37 -2.56 -23.19
C LYS C 234 9.52 -3.57 -23.11
N GLY C 235 10.35 -3.51 -22.07
CA GLY C 235 11.54 -4.35 -21.97
C GLY C 235 11.30 -5.62 -21.16
N GLY C 236 12.39 -6.15 -20.60
CA GLY C 236 12.30 -7.41 -19.87
C GLY C 236 11.81 -7.22 -18.44
N LEU C 237 10.93 -8.13 -18.02
CA LEU C 237 10.46 -8.28 -16.65
C LEU C 237 11.03 -9.60 -16.15
N ALA C 238 11.98 -9.52 -15.22
CA ALA C 238 12.69 -10.72 -14.80
C ALA C 238 12.58 -10.92 -13.30
N MET C 239 12.37 -12.16 -12.91
CA MET C 239 12.36 -12.50 -11.51
C MET C 239 13.77 -12.70 -11.01
N GLU C 240 13.95 -12.48 -9.70
CA GLU C 240 15.26 -12.62 -9.06
C GLU C 240 14.99 -13.00 -7.62
N SER C 241 15.23 -14.27 -7.29
CA SER C 241 15.06 -14.80 -5.94
C SER C 241 16.18 -15.78 -5.68
N PHE C 242 16.99 -15.53 -4.64
CA PHE C 242 18.19 -16.33 -4.38
C PHE C 242 17.83 -17.60 -3.63
N ILE C 243 17.12 -18.48 -4.35
CA ILE C 243 16.91 -19.84 -3.85
C ILE C 243 18.26 -20.52 -3.75
N ASN C 244 19.11 -20.27 -4.73
CA ASN C 244 20.49 -20.68 -4.79
C ASN C 244 21.32 -19.42 -4.87
N MET C 245 22.53 -19.49 -4.36
CA MET C 245 23.35 -18.30 -4.23
C MET C 245 24.67 -18.55 -4.92
N PRO C 246 24.98 -17.85 -6.02
CA PRO C 246 26.30 -18.02 -6.65
C PRO C 246 27.38 -17.63 -5.67
N PRO C 247 28.38 -18.48 -5.51
CA PRO C 247 29.31 -18.29 -4.38
C PRO C 247 30.09 -17.01 -4.44
N GLU C 248 30.44 -16.55 -5.65
CA GLU C 248 31.34 -15.42 -5.80
C GLU C 248 30.70 -14.10 -5.38
N VAL C 249 29.36 -14.04 -5.29
CA VAL C 249 28.70 -12.83 -4.83
C VAL C 249 27.92 -13.03 -3.52
N ALA C 250 28.03 -14.22 -2.91
CA ALA C 250 27.24 -14.50 -1.71
C ALA C 250 27.52 -13.47 -0.62
N TYR C 251 28.78 -13.10 -0.43
CA TYR C 251 29.14 -12.22 0.68
C TYR C 251 28.46 -10.88 0.52
N GLY C 252 28.35 -10.41 -0.73
CA GLY C 252 27.77 -9.08 -0.96
C GLY C 252 26.26 -9.06 -0.98
N LEU C 253 25.63 -10.18 -1.34
CA LEU C 253 24.19 -10.24 -1.47
C LEU C 253 23.50 -10.52 -0.13
N ALA C 254 24.20 -11.12 0.82
CA ALA C 254 23.77 -11.18 2.21
C ALA C 254 22.46 -11.94 2.41
N VAL C 255 22.38 -13.14 1.85
CA VAL C 255 21.25 -14.04 2.06
C VAL C 255 21.71 -15.07 3.08
N TRP C 256 21.35 -14.85 4.32
CA TRP C 256 21.86 -15.62 5.43
C TRP C 256 20.88 -16.65 5.93
N ARG C 257 19.70 -16.68 5.34
CA ARG C 257 18.60 -17.58 5.68
C ARG C 257 17.75 -17.72 4.44
N PRO C 258 16.94 -18.75 4.35
CA PRO C 258 16.20 -19.00 3.10
C PRO C 258 15.19 -17.90 2.80
N VAL C 259 15.19 -17.46 1.54
CA VAL C 259 14.28 -16.42 1.11
C VAL C 259 12.85 -16.91 0.98
N ALA C 260 12.66 -18.21 0.98
CA ALA C 260 11.43 -18.89 0.57
C ALA C 260 11.66 -20.37 0.75
N LYS C 261 10.56 -21.14 0.78
CA LYS C 261 10.68 -22.58 1.01
C LYS C 261 11.52 -23.25 -0.07
N ASP C 262 11.16 -23.02 -1.34
CA ASP C 262 11.89 -23.61 -2.45
C ASP C 262 11.48 -22.91 -3.73
N GLU C 263 12.11 -23.34 -4.82
CA GLU C 263 11.84 -22.80 -6.15
C GLU C 263 10.38 -22.97 -6.56
N GLU C 264 9.73 -24.05 -6.14
CA GLU C 264 8.34 -24.22 -6.54
C GLU C 264 7.44 -23.16 -5.90
N GLU C 265 7.71 -22.78 -4.64
CA GLU C 265 6.90 -21.74 -3.99
C GLU C 265 7.07 -20.38 -4.66
N VAL C 266 8.30 -20.02 -5.02
CA VAL C 266 8.55 -18.70 -5.63
C VAL C 266 7.97 -18.65 -7.04
N MET C 267 8.25 -19.67 -7.87
CA MET C 267 7.75 -19.68 -9.23
C MET C 267 6.27 -20.00 -9.25
N GLY C 268 5.79 -20.79 -8.30
CA GLY C 268 4.39 -21.21 -8.32
C GLY C 268 3.45 -20.13 -7.87
N ASN C 269 3.89 -19.28 -6.95
CA ASN C 269 3.10 -18.17 -6.45
C ASN C 269 3.55 -16.81 -7.00
N GLY C 270 4.83 -16.59 -7.19
CA GLY C 270 5.31 -15.28 -7.61
C GLY C 270 5.15 -14.97 -9.08
N LEU C 271 5.40 -15.94 -9.93
CA LEU C 271 5.28 -15.65 -11.35
C LEU C 271 3.83 -15.34 -11.75
N PRO C 272 2.85 -16.08 -11.23
CA PRO C 272 1.45 -15.76 -11.56
C PRO C 272 1.05 -14.38 -11.09
N PHE C 273 1.49 -14.05 -9.88
CA PHE C 273 1.23 -12.73 -9.36
C PHE C 273 1.74 -11.67 -10.32
N LEU C 274 3.00 -11.78 -10.74
CA LEU C 274 3.59 -10.79 -11.60
C LEU C 274 2.91 -10.77 -12.96
N ARG C 275 2.66 -11.95 -13.54
CA ARG C 275 2.00 -11.96 -14.83
C ARG C 275 0.60 -11.36 -14.72
N ASN C 276 -0.07 -11.60 -13.59
CA ASN C 276 -1.43 -11.10 -13.41
C ASN C 276 -1.45 -9.60 -13.24
N LYS C 277 -0.44 -9.04 -12.55
CA LYS C 277 -0.33 -7.59 -12.43
C LYS C 277 0.02 -6.95 -13.77
N ALA C 278 0.90 -7.59 -14.54
CA ALA C 278 1.23 -7.03 -15.84
C ALA C 278 -0.02 -6.95 -16.71
N LYS C 279 -0.88 -7.95 -16.61
CA LYS C 279 -2.11 -7.93 -17.41
C LYS C 279 -3.11 -6.96 -16.83
N GLN C 280 -3.22 -6.90 -15.50
CA GLN C 280 -4.07 -5.90 -14.85
C GLN C 280 -3.77 -4.48 -15.28
N TYR C 281 -2.51 -4.11 -15.33
CA TYR C 281 -2.17 -2.74 -15.68
C TYR C 281 -1.87 -2.58 -17.16
N GLY C 282 -2.11 -3.63 -17.96
CA GLY C 282 -2.04 -3.47 -19.40
C GLY C 282 -0.64 -3.31 -19.92
N LEU C 283 0.34 -3.95 -19.28
CA LEU C 283 1.71 -3.76 -19.70
C LEU C 283 1.90 -4.24 -21.13
N ILE C 284 2.51 -3.38 -21.97
CA ILE C 284 2.75 -3.74 -23.36
C ILE C 284 3.32 -5.15 -23.43
N GLY C 285 2.77 -5.97 -24.32
CA GLY C 285 3.07 -7.39 -24.35
C GLY C 285 2.06 -8.26 -23.64
N ASN C 286 1.03 -7.69 -23.02
CA ASN C 286 0.01 -8.45 -22.28
C ASN C 286 -1.43 -8.04 -22.61
N THR D 2 -7.27 25.47 -18.23
CA THR D 2 -5.85 25.64 -17.96
C THR D 2 -5.54 25.57 -16.46
N MET D 3 -6.53 25.13 -15.68
CA MET D 3 -6.38 25.12 -14.22
C MET D 3 -5.11 24.39 -13.81
N GLN D 4 -4.32 25.04 -12.96
CA GLN D 4 -3.05 24.53 -12.47
C GLN D 4 -3.01 24.70 -10.96
N GLY D 5 -2.28 23.82 -10.30
CA GLY D 5 -1.98 24.00 -8.91
C GLY D 5 -2.97 23.29 -8.03
N PHE D 6 -3.05 23.72 -6.78
CA PHE D 6 -3.95 23.12 -5.81
C PHE D 6 -5.18 24.00 -5.63
N GLY D 7 -6.34 23.35 -5.53
CA GLY D 7 -7.58 24.04 -5.22
C GLY D 7 -8.44 23.20 -4.29
N VAL D 8 -9.59 23.74 -3.94
CA VAL D 8 -10.47 23.15 -2.95
C VAL D 8 -11.92 23.32 -3.40
N HIS D 9 -12.66 22.22 -3.38
CA HIS D 9 -14.12 22.28 -3.56
C HIS D 9 -14.74 22.95 -2.34
N THR D 10 -15.61 23.96 -2.55
CA THR D 10 -15.93 24.84 -1.43
C THR D 10 -16.88 24.23 -0.41
N SER D 11 -17.40 23.03 -0.64
CA SER D 11 -18.06 22.32 0.44
C SER D 11 -17.16 22.17 1.67
N MET D 12 -15.85 22.40 1.50
CA MET D 12 -14.96 22.46 2.66
C MET D 12 -15.45 23.50 3.67
N TRP D 13 -16.07 24.58 3.19
CA TRP D 13 -16.28 25.79 3.97
C TRP D 13 -17.73 26.32 3.98
N THR D 14 -18.55 25.98 2.99
CA THR D 14 -19.92 26.47 2.96
C THR D 14 -20.84 25.47 2.29
N MET D 15 -22.07 25.39 2.80
CA MET D 15 -23.06 24.48 2.27
C MET D 15 -23.62 24.97 0.95
N ASN D 16 -23.94 26.25 0.88
CA ASN D 16 -24.46 26.84 -0.34
C ASN D 16 -23.56 27.97 -0.80
N TRP D 17 -23.49 28.16 -2.11
CA TRP D 17 -22.81 29.32 -2.66
C TRP D 17 -23.75 30.53 -2.68
N ASP D 18 -24.16 30.94 -1.49
CA ASP D 18 -24.82 32.23 -1.34
C ASP D 18 -23.77 33.29 -0.99
N ARG D 19 -24.22 34.54 -0.86
CA ARG D 19 -23.25 35.63 -0.64
C ARG D 19 -22.41 35.44 0.61
N PRO D 20 -22.97 35.09 1.76
CA PRO D 20 -22.10 34.92 2.93
C PRO D 20 -21.24 33.66 2.84
N GLY D 21 -21.72 32.61 2.18
CA GLY D 21 -20.91 31.43 1.97
C GLY D 21 -19.74 31.69 1.04
N ALA D 22 -19.97 32.45 -0.03
CA ALA D 22 -18.85 32.86 -0.88
C ALA D 22 -17.80 33.63 -0.09
N GLU D 23 -18.22 34.57 0.77
CA GLU D 23 -17.23 35.34 1.52
C GLU D 23 -16.45 34.45 2.48
N ARG D 24 -17.13 33.50 3.12
CA ARG D 24 -16.44 32.64 4.08
C ARG D 24 -15.49 31.68 3.38
N ALA D 25 -15.88 31.15 2.21
CA ALA D 25 -15.02 30.22 1.50
C ALA D 25 -13.82 30.92 0.89
N VAL D 26 -14.02 32.10 0.30
CA VAL D 26 -12.88 32.77 -0.32
C VAL D 26 -11.87 33.19 0.75
N ALA D 27 -12.35 33.59 1.92
CA ALA D 27 -11.46 33.95 3.02
C ALA D 27 -10.59 32.74 3.41
N ALA D 28 -11.23 31.59 3.64
CA ALA D 28 -10.48 30.39 4.00
C ALA D 28 -9.54 29.96 2.87
N ALA D 29 -9.99 30.01 1.64
CA ALA D 29 -9.09 29.64 0.55
C ALA D 29 -7.80 30.47 0.58
N LEU D 30 -7.90 31.75 0.92
CA LEU D 30 -6.71 32.59 0.93
C LEU D 30 -5.81 32.25 2.12
N LYS D 31 -6.41 31.87 3.26
CA LYS D 31 -5.69 31.44 4.44
C LYS D 31 -4.80 30.22 4.17
N TYR D 32 -5.22 29.31 3.29
CA TYR D 32 -4.44 28.13 2.98
C TYR D 32 -3.62 28.30 1.72
N GLU D 33 -3.70 29.45 1.07
CA GLU D 33 -2.86 29.81 -0.07
C GLU D 33 -3.01 28.82 -1.21
N VAL D 34 -4.24 28.42 -1.48
CA VAL D 34 -4.51 27.59 -2.66
C VAL D 34 -4.68 28.49 -3.87
N ASP D 35 -4.56 27.89 -5.04
CA ASP D 35 -4.58 28.63 -6.29
C ASP D 35 -5.99 28.84 -6.84
N PHE D 36 -6.93 27.96 -6.49
CA PHE D 36 -8.27 28.10 -7.04
C PHE D 36 -9.27 27.42 -6.11
N ILE D 37 -10.55 27.75 -6.32
CA ILE D 37 -11.63 27.07 -5.63
C ILE D 37 -12.58 26.51 -6.67
N GLU D 38 -13.34 25.50 -6.27
CA GLU D 38 -14.34 24.86 -7.12
C GLU D 38 -15.70 25.11 -6.47
N ILE D 39 -16.60 25.73 -7.22
CA ILE D 39 -17.84 26.32 -6.71
C ILE D 39 -19.01 25.46 -7.19
N PRO D 40 -19.82 24.88 -6.30
CA PRO D 40 -21.03 24.18 -6.77
C PRO D 40 -21.99 25.16 -7.45
N MET D 41 -22.45 24.77 -8.63
CA MET D 41 -23.40 25.53 -9.44
C MET D 41 -24.71 24.75 -9.42
N LEU D 42 -25.27 24.57 -8.22
CA LEU D 42 -26.46 23.75 -8.03
C LEU D 42 -27.75 24.54 -8.10
N ASN D 43 -27.74 25.83 -7.77
CA ASN D 43 -28.89 26.72 -7.96
C ASN D 43 -28.42 27.95 -8.73
N PRO D 44 -28.23 27.84 -10.04
CA PRO D 44 -27.65 28.93 -10.83
C PRO D 44 -28.37 30.25 -10.62
N PRO D 45 -29.71 30.28 -10.66
CA PRO D 45 -30.41 31.56 -10.47
C PRO D 45 -30.06 32.24 -9.17
N ALA D 46 -29.62 31.50 -8.15
CA ALA D 46 -29.38 32.06 -6.85
C ALA D 46 -27.96 32.59 -6.67
N VAL D 47 -27.08 32.37 -7.65
CA VAL D 47 -25.70 32.79 -7.50
C VAL D 47 -25.58 34.26 -7.87
N ASP D 48 -25.02 35.05 -6.97
CA ASP D 48 -24.72 36.46 -7.23
C ASP D 48 -23.34 36.50 -7.88
N THR D 49 -23.31 36.59 -9.21
CA THR D 49 -22.07 36.38 -9.95
C THR D 49 -21.08 37.53 -9.75
N GLU D 50 -21.55 38.78 -9.84
CA GLU D 50 -20.61 39.89 -9.75
C GLU D 50 -20.06 40.00 -8.33
N HIS D 51 -20.81 39.59 -7.33
CA HIS D 51 -20.27 39.53 -5.99
C HIS D 51 -19.13 38.52 -5.91
N THR D 52 -19.36 37.33 -6.45
CA THR D 52 -18.31 36.32 -6.47
C THR D 52 -17.15 36.75 -7.34
N ARG D 53 -17.44 37.23 -8.56
CA ARG D 53 -16.37 37.71 -9.44
C ARG D 53 -15.48 38.71 -8.72
N ALA D 54 -16.08 39.72 -8.06
CA ALA D 54 -15.29 40.72 -7.35
C ALA D 54 -14.37 40.06 -6.33
N LEU D 55 -14.92 39.12 -5.56
CA LEU D 55 -14.13 38.43 -4.55
C LEU D 55 -12.95 37.72 -5.18
N LEU D 56 -13.19 36.99 -6.28
CA LEU D 56 -12.13 36.22 -6.92
C LEU D 56 -11.00 37.13 -7.41
N GLU D 57 -11.35 38.15 -8.19
CA GLU D 57 -10.35 39.07 -8.70
C GLU D 57 -9.61 39.75 -7.55
N LYS D 58 -10.37 40.22 -6.55
CA LYS D 58 -9.75 40.94 -5.44
C LYS D 58 -8.74 40.07 -4.71
N ASN D 59 -9.05 38.79 -4.51
CA ASN D 59 -8.19 37.88 -3.76
C ASN D 59 -7.27 37.06 -4.67
N GLU D 60 -7.12 37.45 -5.94
CA GLU D 60 -6.18 36.78 -6.84
C GLU D 60 -6.43 35.27 -6.89
N LEU D 61 -7.70 34.91 -6.94
CA LEU D 61 -8.12 33.51 -6.88
C LEU D 61 -8.78 33.14 -8.19
N ARG D 62 -8.46 31.96 -8.67
CA ARG D 62 -9.16 31.40 -9.83
C ARG D 62 -10.24 30.45 -9.36
N ALA D 63 -11.12 30.09 -10.29
CA ALA D 63 -12.26 29.27 -9.92
C ALA D 63 -12.79 28.50 -11.12
N LEU D 64 -13.42 27.38 -10.83
CA LEU D 64 -14.30 26.70 -11.77
C LEU D 64 -15.55 26.30 -10.98
N CYS D 65 -16.55 25.84 -11.70
CA CYS D 65 -17.77 25.36 -11.08
C CYS D 65 -17.96 23.90 -11.40
N SER D 66 -18.75 23.24 -10.55
CA SER D 66 -19.12 21.84 -10.69
C SER D 66 -20.63 21.73 -10.43
N LEU D 67 -21.22 20.66 -10.92
CA LEU D 67 -22.61 20.40 -10.56
C LEU D 67 -22.94 18.94 -10.82
N GLY D 68 -24.09 18.54 -10.33
CA GLY D 68 -24.79 17.39 -10.83
C GLY D 68 -26.15 17.87 -11.30
N LEU D 69 -26.68 17.22 -12.33
CA LEU D 69 -27.96 17.63 -12.90
C LEU D 69 -29.11 17.20 -12.00
N PRO D 70 -30.13 18.02 -11.85
CA PRO D 70 -31.30 17.58 -11.08
C PRO D 70 -32.16 16.67 -11.92
N GLU D 71 -32.98 15.88 -11.23
CA GLU D 71 -33.72 14.84 -11.91
C GLU D 71 -34.57 15.39 -13.05
N ARG D 72 -35.12 16.61 -12.87
CA ARG D 72 -35.94 17.20 -13.93
C ARG D 72 -35.15 17.38 -15.22
N ALA D 73 -33.79 17.34 -15.16
CA ALA D 73 -32.99 17.64 -16.34
C ALA D 73 -31.84 16.65 -16.52
N TRP D 74 -32.03 15.42 -16.11
CA TRP D 74 -31.05 14.38 -16.40
C TRP D 74 -30.93 14.16 -17.89
N ALA D 75 -29.70 14.33 -18.41
CA ALA D 75 -29.45 14.26 -19.85
C ALA D 75 -29.85 12.93 -20.44
N SER D 76 -29.81 11.84 -19.66
CA SER D 76 -30.03 10.53 -20.26
C SER D 76 -31.49 10.30 -20.62
N VAL D 77 -32.43 11.00 -19.99
CA VAL D 77 -33.86 10.70 -20.18
C VAL D 77 -34.56 11.98 -20.64
N ARG D 78 -34.10 13.15 -20.17
CA ARG D 78 -34.67 14.45 -20.52
C ARG D 78 -33.63 15.38 -21.12
N PRO D 79 -33.16 15.05 -22.32
CA PRO D 79 -32.05 15.80 -22.92
C PRO D 79 -32.33 17.27 -23.18
N ASP D 80 -33.55 17.61 -23.59
CA ASP D 80 -33.79 19.04 -23.84
C ASP D 80 -33.78 19.85 -22.55
N ALA D 81 -34.40 19.33 -21.49
CA ALA D 81 -34.28 20.01 -20.21
C ALA D 81 -32.82 20.11 -19.79
N ALA D 82 -32.02 19.08 -20.10
CA ALA D 82 -30.63 19.08 -19.65
C ALA D 82 -29.83 20.16 -20.35
N ILE D 83 -30.03 20.29 -21.67
CA ILE D 83 -29.35 21.34 -22.41
C ILE D 83 -29.68 22.70 -21.80
N GLU D 84 -30.99 22.95 -21.59
CA GLU D 84 -31.38 24.23 -21.06
C GLU D 84 -30.72 24.48 -19.71
N HIS D 85 -30.69 23.45 -18.86
CA HIS D 85 -30.12 23.65 -17.54
C HIS D 85 -28.62 23.92 -17.65
N LEU D 86 -27.93 23.21 -18.54
CA LEU D 86 -26.49 23.40 -18.66
C LEU D 86 -26.15 24.77 -19.24
N LYS D 87 -26.98 25.29 -20.14
CA LYS D 87 -26.70 26.62 -20.66
C LYS D 87 -26.81 27.65 -19.56
N VAL D 88 -27.81 27.50 -18.69
CA VAL D 88 -27.94 28.43 -17.57
C VAL D 88 -26.71 28.33 -16.68
N ALA D 89 -26.25 27.12 -16.38
CA ALA D 89 -25.11 26.95 -15.49
C ALA D 89 -23.81 27.43 -16.14
N ILE D 90 -23.66 27.19 -17.44
CA ILE D 90 -22.50 27.67 -18.16
C ILE D 90 -22.45 29.20 -18.12
N ASP D 91 -23.59 29.84 -18.37
CA ASP D 91 -23.60 31.30 -18.36
C ASP D 91 -23.24 31.85 -17.00
N LYS D 92 -23.75 31.24 -15.93
CA LYS D 92 -23.41 31.73 -14.60
C LYS D 92 -21.94 31.46 -14.29
N THR D 93 -21.42 30.29 -14.66
CA THR D 93 -20.01 30.04 -14.40
C THR D 93 -19.13 31.05 -15.14
N ALA D 94 -19.45 31.32 -16.40
CA ALA D 94 -18.70 32.36 -17.12
C ALA D 94 -18.80 33.72 -16.42
N ASP D 95 -20.03 34.11 -16.02
CA ASP D 95 -20.23 35.44 -15.45
C ASP D 95 -19.45 35.67 -14.16
N LEU D 96 -19.24 34.63 -13.36
CA LEU D 96 -18.53 34.81 -12.12
C LEU D 96 -17.03 34.65 -12.28
N GLY D 97 -16.55 34.45 -13.51
CA GLY D 97 -15.14 34.30 -13.76
C GLY D 97 -14.66 32.87 -13.75
N GLY D 98 -15.57 31.90 -13.60
CA GLY D 98 -15.17 30.51 -13.61
C GLY D 98 -14.61 30.12 -14.97
N GLU D 99 -13.71 29.13 -14.98
CA GLU D 99 -13.05 28.75 -16.23
C GLU D 99 -13.56 27.44 -16.79
N ALA D 100 -14.31 26.68 -16.02
CA ALA D 100 -14.87 25.45 -16.54
C ALA D 100 -16.09 25.09 -15.70
N LEU D 101 -16.96 24.30 -16.31
CA LEU D 101 -18.05 23.66 -15.58
C LEU D 101 -17.80 22.17 -15.68
N SER D 102 -17.69 21.50 -14.54
CA SER D 102 -17.34 20.08 -14.54
C SER D 102 -18.22 19.33 -13.54
N GLY D 103 -17.87 18.09 -13.31
CA GLY D 103 -18.66 17.25 -12.45
C GLY D 103 -19.56 16.33 -13.24
N VAL D 104 -20.70 16.00 -12.64
CA VAL D 104 -21.66 15.08 -13.25
C VAL D 104 -22.58 15.95 -14.11
N ILE D 105 -22.01 16.53 -15.16
CA ILE D 105 -22.77 17.38 -16.07
C ILE D 105 -23.61 16.56 -17.03
N TYR D 106 -23.51 15.23 -16.97
CA TYR D 106 -24.18 14.35 -17.89
C TYR D 106 -25.34 13.63 -17.24
N GLY D 107 -25.61 13.90 -15.97
CA GLY D 107 -26.59 13.09 -15.27
C GLY D 107 -26.68 13.54 -13.83
N GLY D 108 -27.30 12.70 -13.02
CA GLY D 108 -27.59 13.06 -11.65
C GLY D 108 -26.64 12.40 -10.66
N ILE D 109 -26.39 13.10 -9.57
CA ILE D 109 -25.76 12.49 -8.42
C ILE D 109 -26.85 11.72 -7.68
N GLY D 110 -26.81 10.40 -7.78
CA GLY D 110 -27.90 9.55 -7.33
C GLY D 110 -28.73 8.95 -8.44
N GLU D 111 -28.30 9.07 -9.69
CA GLU D 111 -29.09 8.61 -10.81
C GLU D 111 -28.86 7.12 -11.01
N ARG D 112 -29.96 6.36 -11.12
CA ARG D 112 -29.94 4.92 -11.35
C ARG D 112 -31.27 4.53 -11.98
N THR D 113 -31.25 3.73 -13.05
CA THR D 113 -32.47 3.14 -13.59
C THR D 113 -32.82 1.80 -12.98
N GLY D 114 -31.86 1.16 -12.33
CA GLY D 114 -31.99 -0.21 -11.89
C GLY D 114 -31.38 -1.22 -12.84
N VAL D 115 -31.03 -0.80 -14.05
CA VAL D 115 -30.41 -1.70 -15.01
C VAL D 115 -29.19 -1.03 -15.63
N PRO D 116 -28.34 -1.77 -16.32
CA PRO D 116 -27.16 -1.16 -16.94
C PRO D 116 -27.53 -0.08 -17.95
N PRO D 117 -26.60 0.84 -18.19
CA PRO D 117 -26.83 1.91 -19.17
C PRO D 117 -27.02 1.36 -20.57
N THR D 118 -27.89 2.02 -21.34
CA THR D 118 -28.20 1.62 -22.71
C THR D 118 -27.61 2.62 -23.71
N GLU D 119 -27.54 2.18 -24.97
CA GLU D 119 -27.09 3.09 -26.03
C GLU D 119 -28.04 4.29 -26.16
N ALA D 120 -29.33 4.08 -25.94
CA ALA D 120 -30.27 5.19 -26.01
C ALA D 120 -29.88 6.28 -25.03
N GLU D 121 -29.47 5.88 -23.82
CA GLU D 121 -29.06 6.85 -22.81
C GLU D 121 -27.80 7.58 -23.24
N TYR D 122 -26.78 6.85 -23.70
CA TYR D 122 -25.55 7.52 -24.10
C TYR D 122 -25.76 8.39 -25.32
N ASP D 123 -26.64 7.96 -26.24
CA ASP D 123 -26.96 8.82 -27.39
C ASP D 123 -27.50 10.17 -26.90
N ASN D 124 -28.42 10.13 -25.94
CA ASN D 124 -28.96 11.40 -25.41
C ASN D 124 -27.87 12.21 -24.73
N ILE D 125 -27.04 11.57 -23.91
CA ILE D 125 -26.00 12.35 -23.24
C ILE D 125 -25.08 13.02 -24.27
N ALA D 126 -24.72 12.28 -25.31
CA ALA D 126 -23.82 12.82 -26.32
C ALA D 126 -24.43 14.03 -27.01
N ARG D 127 -25.72 13.95 -27.34
CA ARG D 127 -26.40 15.09 -27.93
C ARG D 127 -26.39 16.27 -26.97
N VAL D 128 -26.68 16.01 -25.69
CA VAL D 128 -26.64 17.07 -24.69
C VAL D 128 -25.26 17.69 -24.63
N LEU D 129 -24.24 16.85 -24.46
CA LEU D 129 -22.90 17.38 -24.30
C LEU D 129 -22.41 18.10 -25.56
N SER D 130 -22.83 17.66 -26.74
CA SER D 130 -22.40 18.39 -27.93
C SER D 130 -22.96 19.81 -27.92
N ALA D 131 -24.26 19.94 -27.67
CA ALA D 131 -24.89 21.24 -27.57
C ALA D 131 -24.29 22.07 -26.43
N ALA D 132 -24.13 21.44 -25.26
CA ALA D 132 -23.52 22.16 -24.15
C ALA D 132 -22.11 22.62 -24.50
N ALA D 133 -21.34 21.77 -25.20
CA ALA D 133 -19.97 22.14 -25.53
C ALA D 133 -19.92 23.38 -26.42
N LYS D 134 -20.78 23.41 -27.45
CA LYS D 134 -20.89 24.61 -28.28
C LYS D 134 -21.20 25.84 -27.45
N HIS D 135 -22.16 25.76 -26.55
CA HIS D 135 -22.48 26.96 -25.79
C HIS D 135 -21.35 27.31 -24.80
N ALA D 136 -20.67 26.31 -24.23
CA ALA D 136 -19.53 26.64 -23.37
C ALA D 136 -18.48 27.40 -24.17
N LYS D 137 -18.17 26.91 -25.36
CA LYS D 137 -17.24 27.61 -26.22
C LYS D 137 -17.71 29.04 -26.48
N SER D 138 -19.03 29.22 -26.69
CA SER D 138 -19.59 30.55 -26.87
C SER D 138 -19.18 31.47 -25.74
N ARG D 139 -19.11 30.95 -24.52
CA ARG D 139 -18.78 31.76 -23.36
C ARG D 139 -17.34 31.60 -22.94
N GLY D 140 -16.55 30.83 -23.69
CA GLY D 140 -15.12 30.79 -23.48
C GLY D 140 -14.65 29.91 -22.34
N ILE D 141 -15.44 28.93 -21.92
CA ILE D 141 -15.05 28.01 -20.86
C ILE D 141 -15.02 26.59 -21.43
N GLU D 142 -14.51 25.66 -20.62
CA GLU D 142 -14.53 24.26 -20.98
C GLU D 142 -15.50 23.52 -20.07
N LEU D 143 -15.84 22.31 -20.51
CA LEU D 143 -16.66 21.37 -19.77
C LEU D 143 -15.83 20.18 -19.31
N GLY D 144 -16.13 19.69 -18.13
CA GLY D 144 -15.48 18.51 -17.58
C GLY D 144 -16.52 17.44 -17.30
N VAL D 145 -16.14 16.19 -17.52
CA VAL D 145 -16.96 15.02 -17.29
C VAL D 145 -16.28 14.23 -16.18
N GLU D 146 -16.90 14.16 -15.03
CA GLU D 146 -16.33 13.46 -13.88
C GLU D 146 -16.94 12.09 -13.83
N ALA D 147 -16.10 11.06 -13.81
CA ALA D 147 -16.57 9.70 -13.57
C ALA D 147 -16.84 9.57 -12.08
N VAL D 148 -17.97 8.96 -11.74
CA VAL D 148 -18.38 8.79 -10.34
C VAL D 148 -18.75 7.34 -10.13
N ASN D 149 -18.84 6.94 -8.88
CA ASN D 149 -18.97 5.52 -8.64
C ASN D 149 -20.39 5.03 -8.95
N ARG D 150 -20.51 3.70 -9.02
CA ARG D 150 -21.75 3.02 -9.45
C ARG D 150 -22.98 3.43 -8.67
N TYR D 151 -22.81 3.89 -7.44
CA TYR D 151 -23.95 4.18 -6.59
C TYR D 151 -24.52 5.57 -6.80
N GLU D 152 -23.72 6.47 -7.39
CA GLU D 152 -24.12 7.83 -7.68
C GLU D 152 -24.57 8.01 -9.12
N ASN D 153 -24.13 7.14 -10.02
CA ASN D 153 -24.55 7.26 -11.41
C ASN D 153 -24.26 5.95 -12.10
N HIS D 154 -25.12 5.53 -13.01
CA HIS D 154 -24.94 4.24 -13.66
C HIS D 154 -24.30 4.36 -15.04
N LEU D 155 -23.96 5.56 -15.46
CA LEU D 155 -23.60 5.82 -16.85
C LEU D 155 -22.10 5.95 -17.08
N ILE D 156 -21.40 6.77 -16.30
CA ILE D 156 -19.97 7.00 -16.47
C ILE D 156 -19.31 6.78 -15.13
N ASN D 157 -18.58 5.67 -15.00
CA ASN D 157 -18.05 5.28 -13.71
C ASN D 157 -16.53 5.17 -13.68
N THR D 158 -15.87 5.10 -14.82
CA THR D 158 -14.46 4.78 -14.94
C THR D 158 -13.83 5.77 -15.88
N GLY D 159 -12.52 5.91 -15.77
CA GLY D 159 -11.80 6.75 -16.70
C GLY D 159 -12.04 6.34 -18.13
N TRP D 160 -12.12 5.04 -18.39
CA TRP D 160 -12.24 4.60 -19.77
C TRP D 160 -13.63 4.96 -20.31
N GLN D 161 -14.67 4.85 -19.48
CA GLN D 161 -16.01 5.27 -19.93
C GLN D 161 -16.06 6.76 -20.22
N ALA D 162 -15.48 7.58 -19.35
CA ALA D 162 -15.50 9.01 -19.60
C ALA D 162 -14.82 9.33 -20.92
N VAL D 163 -13.67 8.70 -21.18
CA VAL D 163 -12.97 8.94 -22.45
C VAL D 163 -13.83 8.51 -23.62
N GLN D 164 -14.51 7.38 -23.50
CA GLN D 164 -15.38 6.93 -24.58
C GLN D 164 -16.47 7.97 -24.86
N MET D 165 -17.06 8.57 -23.83
CA MET D 165 -18.03 9.60 -24.13
C MET D 165 -17.35 10.83 -24.76
N ILE D 166 -16.14 11.17 -24.31
CA ILE D 166 -15.51 12.36 -24.88
C ILE D 166 -15.24 12.16 -26.37
N GLU D 167 -14.71 10.99 -26.73
CA GLU D 167 -14.48 10.69 -28.14
C GLU D 167 -15.80 10.64 -28.92
N ARG D 168 -16.88 10.15 -28.31
CA ARG D 168 -18.17 10.10 -29.02
C ARG D 168 -18.71 11.50 -29.32
N VAL D 169 -18.62 12.42 -28.37
CA VAL D 169 -19.15 13.77 -28.58
C VAL D 169 -18.31 14.55 -29.59
N GLY D 170 -17.01 14.28 -29.66
CA GLY D 170 -16.18 14.93 -30.66
C GLY D 170 -15.76 16.35 -30.37
N ALA D 171 -16.06 16.90 -29.20
CA ALA D 171 -15.76 18.30 -28.94
C ALA D 171 -14.37 18.48 -28.38
N ASP D 172 -13.73 19.56 -28.84
CA ASP D 172 -12.40 19.98 -28.42
C ASP D 172 -12.31 20.38 -26.95
N ASN D 173 -13.42 20.76 -26.32
CA ASN D 173 -13.37 21.54 -25.09
C ASN D 173 -14.00 20.81 -23.92
N ILE D 174 -14.05 19.49 -23.99
CA ILE D 174 -14.51 18.66 -22.88
C ILE D 174 -13.32 17.83 -22.44
N PHE D 175 -13.01 17.86 -21.15
CA PHE D 175 -11.91 17.10 -20.57
C PHE D 175 -12.46 16.06 -19.60
N VAL D 176 -11.59 15.10 -19.18
CA VAL D 176 -11.97 14.13 -18.17
C VAL D 176 -11.55 14.64 -16.81
N HIS D 177 -12.41 14.37 -15.83
CA HIS D 177 -12.28 14.78 -14.44
C HIS D 177 -12.36 13.48 -13.65
N LEU D 178 -11.27 13.15 -12.95
CA LEU D 178 -11.28 11.94 -12.12
C LEU D 178 -11.38 12.32 -10.65
N ASP D 179 -11.76 11.33 -9.85
CA ASP D 179 -11.95 11.50 -8.42
C ASP D 179 -11.46 10.25 -7.71
N THR D 180 -10.46 10.42 -6.83
CA THR D 180 -9.81 9.28 -6.22
C THR D 180 -10.77 8.53 -5.31
N TYR D 181 -11.76 9.21 -4.71
CA TYR D 181 -12.79 8.50 -3.95
C TYR D 181 -13.59 7.58 -4.84
N HIS D 182 -13.93 8.06 -6.04
CA HIS D 182 -14.69 7.23 -6.95
C HIS D 182 -13.82 6.14 -7.55
N MET D 183 -12.55 6.47 -7.85
CA MET D 183 -11.68 5.47 -8.45
C MET D 183 -11.32 4.38 -7.46
N ASN D 184 -11.26 4.73 -6.19
CA ASN D 184 -11.07 3.75 -5.12
C ASN D 184 -12.08 2.62 -5.21
N ILE D 185 -13.27 2.87 -5.74
CA ILE D 185 -14.31 1.86 -5.90
C ILE D 185 -14.29 1.25 -7.29
N GLU D 186 -14.19 2.09 -8.31
CA GLU D 186 -14.45 1.67 -9.68
C GLU D 186 -13.23 1.19 -10.47
N GLU D 187 -12.02 1.67 -10.19
CA GLU D 187 -10.88 1.32 -11.05
C GLU D 187 -10.22 0.05 -10.54
N LYS D 188 -9.82 -0.80 -11.48
CA LYS D 188 -9.21 -2.09 -11.17
C LYS D 188 -7.72 -1.84 -10.99
N GLY D 189 -7.39 -1.27 -9.84
CA GLY D 189 -6.12 -0.61 -9.61
C GLY D 189 -6.31 0.86 -9.90
N VAL D 190 -6.05 1.72 -8.92
CA VAL D 190 -6.43 3.12 -9.08
C VAL D 190 -5.70 3.77 -10.25
N GLY D 191 -4.42 3.41 -10.47
CA GLY D 191 -3.70 4.03 -11.56
C GLY D 191 -4.29 3.78 -12.94
N ASN D 192 -5.02 2.68 -13.10
CA ASN D 192 -5.66 2.39 -14.39
C ASN D 192 -6.63 3.50 -14.83
N GLY D 193 -7.28 4.15 -13.87
CA GLY D 193 -8.16 5.25 -14.23
C GLY D 193 -7.36 6.40 -14.78
N ILE D 194 -6.21 6.65 -14.19
CA ILE D 194 -5.35 7.71 -14.67
C ILE D 194 -4.80 7.35 -16.02
N LEU D 195 -4.33 6.10 -16.19
CA LEU D 195 -3.77 5.70 -17.46
C LEU D 195 -4.81 5.77 -18.56
N ASP D 196 -5.99 5.20 -18.31
CA ASP D 196 -7.03 5.16 -19.32
C ASP D 196 -7.44 6.57 -19.74
N ALA D 197 -7.32 7.55 -18.86
CA ALA D 197 -7.83 8.88 -19.14
C ALA D 197 -6.73 9.86 -19.50
N ARG D 198 -5.50 9.37 -19.73
CA ARG D 198 -4.33 10.23 -19.76
C ARG D 198 -4.43 11.28 -20.86
N GLU D 199 -5.03 10.95 -21.99
CA GLU D 199 -5.03 11.90 -23.11
C GLU D 199 -6.00 13.07 -22.90
N HIS D 200 -6.87 13.01 -21.89
CA HIS D 200 -7.97 13.95 -21.72
C HIS D 200 -8.06 14.45 -20.29
N LEU D 201 -7.19 13.98 -19.42
CA LEU D 201 -7.30 14.23 -17.99
C LEU D 201 -6.76 15.62 -17.68
N LYS D 202 -7.62 16.49 -17.17
CA LYS D 202 -7.21 17.84 -16.87
C LYS D 202 -7.53 18.24 -15.44
N TYR D 203 -8.12 17.36 -14.65
CA TYR D 203 -8.59 17.78 -13.35
C TYR D 203 -8.79 16.53 -12.52
N ILE D 204 -8.40 16.60 -11.26
CA ILE D 204 -8.55 15.44 -10.40
C ILE D 204 -8.91 15.87 -8.99
N HIS D 205 -9.93 15.23 -8.46
CA HIS D 205 -10.32 15.38 -7.07
C HIS D 205 -9.45 14.44 -6.25
N LEU D 206 -8.62 15.01 -5.37
CA LEU D 206 -7.79 14.20 -4.47
C LEU D 206 -8.57 14.07 -3.18
N SER D 207 -9.47 13.10 -3.17
CA SER D 207 -10.45 12.93 -2.11
C SER D 207 -10.24 11.58 -1.47
N GLU D 208 -10.22 11.58 -0.14
CA GLU D 208 -9.95 10.33 0.58
C GLU D 208 -11.12 9.37 0.41
N SER D 209 -10.85 8.10 0.73
CA SER D 209 -11.78 7.02 0.43
C SER D 209 -13.10 7.15 1.17
N ASP D 210 -13.12 7.86 2.30
CA ASP D 210 -14.34 8.07 3.08
C ASP D 210 -14.76 9.55 3.08
N ARG D 211 -14.26 10.31 2.10
CA ARG D 211 -14.43 11.75 1.93
C ARG D 211 -13.79 12.57 3.04
N GLY D 212 -12.93 11.96 3.86
CA GLY D 212 -12.30 12.64 4.97
C GLY D 212 -10.96 13.27 4.65
N THR D 213 -9.96 13.00 5.47
CA THR D 213 -8.68 13.67 5.34
C THR D 213 -7.78 12.88 4.41
N PRO D 214 -7.35 13.45 3.29
CA PRO D 214 -6.42 12.73 2.41
C PRO D 214 -5.15 12.34 3.16
N GLY D 215 -4.75 11.08 2.95
CA GLY D 215 -3.62 10.49 3.61
C GLY D 215 -4.02 9.60 4.76
N TYR D 216 -5.29 9.59 5.13
CA TYR D 216 -5.84 8.87 6.29
C TYR D 216 -7.09 8.07 5.90
N GLY D 217 -6.98 7.31 4.81
CA GLY D 217 -8.05 6.40 4.38
C GLY D 217 -7.45 5.19 3.67
N THR D 218 -8.10 4.72 2.59
CA THR D 218 -7.64 3.52 1.88
C THR D 218 -7.19 3.84 0.45
N CYS D 219 -7.17 5.10 0.07
CA CYS D 219 -6.71 5.46 -1.27
C CYS D 219 -5.22 5.20 -1.38
N GLY D 220 -4.80 4.69 -2.55
CA GLY D 220 -3.39 4.36 -2.79
C GLY D 220 -2.59 5.54 -3.31
N TRP D 221 -2.21 6.46 -2.41
CA TRP D 221 -1.75 7.79 -2.83
C TRP D 221 -0.44 7.72 -3.60
N ASP D 222 0.45 6.80 -3.21
CA ASP D 222 1.73 6.72 -3.90
C ASP D 222 1.53 6.28 -5.33
N GLU D 223 0.67 5.28 -5.54
CA GLU D 223 0.30 4.89 -6.90
C GLU D 223 -0.33 6.05 -7.64
N ILE D 224 -1.26 6.75 -7.00
CA ILE D 224 -1.93 7.88 -7.62
C ILE D 224 -0.92 8.91 -8.10
N PHE D 225 -0.04 9.35 -7.19
CA PHE D 225 0.88 10.43 -7.52
C PHE D 225 1.98 9.98 -8.47
N SER D 226 2.47 8.74 -8.30
CA SER D 226 3.47 8.25 -9.26
C SER D 226 2.89 8.24 -10.67
N THR D 227 1.64 7.79 -10.82
CA THR D 227 1.07 7.65 -12.15
C THR D 227 0.75 9.02 -12.75
N LEU D 228 0.28 9.96 -11.93
CA LEU D 228 0.08 11.32 -12.39
C LEU D 228 1.38 11.91 -12.90
N ALA D 229 2.49 11.73 -12.15
CA ALA D 229 3.76 12.23 -12.64
C ALA D 229 4.14 11.53 -13.93
N ALA D 230 3.89 10.21 -13.99
CA ALA D 230 4.31 9.44 -15.15
C ALA D 230 3.63 9.92 -16.43
N ILE D 231 2.34 10.26 -16.37
CA ILE D 231 1.65 10.72 -17.57
C ILE D 231 1.84 12.20 -17.80
N GLY D 232 2.58 12.89 -16.95
CA GLY D 232 2.83 14.31 -17.13
C GLY D 232 1.64 15.19 -16.80
N PHE D 233 0.85 14.81 -15.79
CA PHE D 233 -0.32 15.59 -15.43
C PHE D 233 0.09 17.00 -15.05
N LYS D 234 -0.65 17.97 -15.59
CA LYS D 234 -0.36 19.39 -15.40
C LYS D 234 -1.61 20.20 -15.06
N GLY D 235 -2.77 19.55 -14.86
CA GLY D 235 -4.02 20.23 -14.57
C GLY D 235 -4.24 20.47 -13.09
N GLY D 236 -5.51 20.62 -12.73
CA GLY D 236 -5.83 21.01 -11.37
C GLY D 236 -5.86 19.81 -10.44
N LEU D 237 -5.34 20.03 -9.24
CA LEU D 237 -5.36 19.06 -8.16
C LEU D 237 -6.25 19.65 -7.08
N ALA D 238 -7.40 19.04 -6.84
CA ALA D 238 -8.43 19.67 -6.02
C ALA D 238 -8.87 18.79 -4.87
N MET D 239 -8.91 19.36 -3.67
CA MET D 239 -9.43 18.63 -2.54
C MET D 239 -10.95 18.64 -2.54
N GLU D 240 -11.54 17.56 -2.05
CA GLU D 240 -12.99 17.44 -1.93
C GLU D 240 -13.31 16.65 -0.68
N SER D 241 -13.83 17.32 0.32
CA SER D 241 -14.22 16.72 1.59
C SER D 241 -15.50 17.36 2.08
N PHE D 242 -16.53 16.55 2.33
CA PHE D 242 -17.86 17.11 2.60
C PHE D 242 -17.98 17.46 4.08
N ILE D 243 -17.18 18.47 4.48
CA ILE D 243 -17.36 19.05 5.80
C ILE D 243 -18.76 19.66 5.87
N ASN D 244 -19.16 20.32 4.80
CA ASN D 244 -20.49 20.87 4.60
C ASN D 244 -21.10 20.18 3.39
N MET D 245 -22.41 20.04 3.38
CA MET D 245 -23.06 19.19 2.39
C MET D 245 -24.07 20.01 1.61
N PRO D 246 -23.85 20.31 0.33
CA PRO D 246 -24.85 21.04 -0.43
C PRO D 246 -26.18 20.29 -0.45
N PRO D 247 -27.26 20.97 -0.10
CA PRO D 247 -28.51 20.23 0.14
C PRO D 247 -28.99 19.46 -1.06
N GLU D 248 -28.83 20.00 -2.26
CA GLU D 248 -29.44 19.41 -3.44
C GLU D 248 -28.82 18.07 -3.83
N VAL D 249 -27.61 17.76 -3.34
CA VAL D 249 -26.94 16.51 -3.69
C VAL D 249 -26.70 15.63 -2.46
N ALA D 250 -27.23 16.01 -1.31
CA ALA D 250 -26.95 15.27 -0.08
C ALA D 250 -27.44 13.83 -0.20
N TYR D 251 -28.65 13.65 -0.71
CA TYR D 251 -29.22 12.32 -0.79
C TYR D 251 -28.33 11.41 -1.64
N GLY D 252 -27.73 11.95 -2.69
CA GLY D 252 -26.91 11.15 -3.59
C GLY D 252 -25.48 10.94 -3.11
N LEU D 253 -24.96 11.85 -2.30
CA LEU D 253 -23.56 11.76 -1.87
C LEU D 253 -23.39 10.88 -0.64
N ALA D 254 -24.45 10.71 0.15
CA ALA D 254 -24.57 9.68 1.19
C ALA D 254 -23.55 9.86 2.30
N VAL D 255 -23.41 11.10 2.77
CA VAL D 255 -22.58 11.42 3.92
C VAL D 255 -23.49 11.45 5.14
N TRP D 256 -23.55 10.35 5.89
CA TRP D 256 -24.52 10.18 6.95
C TRP D 256 -23.95 10.47 8.32
N ARG D 257 -22.66 10.75 8.38
CA ARG D 257 -21.92 10.97 9.61
C ARG D 257 -20.70 11.81 9.24
N PRO D 258 -20.11 12.52 10.20
CA PRO D 258 -19.00 13.43 9.86
C PRO D 258 -17.85 12.70 9.19
N VAL D 259 -17.34 13.29 8.12
CA VAL D 259 -16.21 12.70 7.41
C VAL D 259 -14.88 12.96 8.13
N ALA D 260 -14.87 13.91 9.06
CA ALA D 260 -13.69 14.33 9.80
C ALA D 260 -14.15 15.33 10.85
N LYS D 261 -13.24 15.65 11.78
CA LYS D 261 -13.59 16.51 12.91
C LYS D 261 -14.11 17.86 12.44
N ASP D 262 -13.33 18.55 11.63
CA ASP D 262 -13.72 19.86 11.10
C ASP D 262 -12.80 20.21 9.95
N GLU D 263 -13.13 21.34 9.31
CA GLU D 263 -12.37 21.80 8.16
C GLU D 263 -10.91 22.10 8.51
N GLU D 264 -10.62 22.43 9.76
CA GLU D 264 -9.22 22.64 10.13
C GLU D 264 -8.44 21.33 10.09
N GLU D 265 -9.03 20.23 10.55
CA GLU D 265 -8.33 18.95 10.52
C GLU D 265 -8.05 18.52 9.08
N VAL D 266 -9.03 18.67 8.19
CA VAL D 266 -8.85 18.22 6.81
C VAL D 266 -7.84 19.08 6.08
N MET D 267 -7.98 20.40 6.17
CA MET D 267 -7.09 21.29 5.47
C MET D 267 -5.72 21.33 6.14
N GLY D 268 -5.69 21.23 7.47
CA GLY D 268 -4.44 21.32 8.18
C GLY D 268 -3.56 20.08 8.04
N ASN D 269 -4.18 18.92 7.86
CA ASN D 269 -3.43 17.68 7.67
C ASN D 269 -3.45 17.17 6.24
N GLY D 270 -4.57 17.31 5.54
CA GLY D 270 -4.70 16.75 4.22
C GLY D 270 -3.99 17.55 3.15
N LEU D 271 -4.04 18.87 3.23
CA LEU D 271 -3.44 19.66 2.15
C LEU D 271 -1.91 19.55 2.17
N PRO D 272 -1.25 19.60 3.33
CA PRO D 272 0.21 19.42 3.32
C PRO D 272 0.60 18.01 2.89
N PHE D 273 -0.20 17.00 3.28
CA PHE D 273 0.06 15.66 2.79
C PHE D 273 0.06 15.65 1.28
N LEU D 274 -0.97 16.26 0.67
CA LEU D 274 -1.08 16.25 -0.78
C LEU D 274 -0.04 17.12 -1.43
N ARG D 275 0.27 18.29 -0.84
CA ARG D 275 1.31 19.11 -1.42
C ARG D 275 2.66 18.38 -1.34
N ASN D 276 2.86 17.66 -0.26
CA ASN D 276 4.13 16.98 -0.06
C ASN D 276 4.27 15.81 -1.02
N LYS D 277 3.18 15.10 -1.32
CA LYS D 277 3.27 14.00 -2.29
C LYS D 277 3.51 14.55 -3.70
N ALA D 278 2.87 15.66 -4.04
CA ALA D 278 3.08 16.25 -5.35
C ALA D 278 4.54 16.64 -5.52
N LYS D 279 5.16 17.14 -4.46
CA LYS D 279 6.58 17.51 -4.50
C LYS D 279 7.44 16.26 -4.56
N GLN D 280 7.10 15.28 -3.74
CA GLN D 280 7.82 14.01 -3.76
C GLN D 280 7.92 13.39 -5.14
N TYR D 281 6.82 13.35 -5.88
CA TYR D 281 6.81 12.68 -7.17
C TYR D 281 7.03 13.64 -8.32
N GLY D 282 7.40 14.88 -8.01
CA GLY D 282 7.84 15.81 -9.04
C GLY D 282 6.74 16.26 -9.97
N LEU D 283 5.53 16.49 -9.44
CA LEU D 283 4.42 16.81 -10.32
C LEU D 283 4.70 18.16 -10.98
N ILE D 284 4.49 18.25 -12.29
CA ILE D 284 4.69 19.50 -12.99
C ILE D 284 3.94 20.62 -12.27
N GLY D 285 4.63 21.72 -12.03
CA GLY D 285 4.12 22.78 -11.17
C GLY D 285 4.58 22.72 -9.73
N ASN D 286 5.33 21.68 -9.35
CA ASN D 286 5.80 21.51 -7.98
C ASN D 286 7.27 21.12 -7.92
MG MG E . 17.09 1.83 14.37
MG MG F . -20.49 -8.93 1.92
C1 TAG G . 22.28 -7.09 -7.03
O1 TAG G . 22.05 -7.50 -5.71
C2 TAG G . 21.21 -7.64 -7.98
O2 TAG G . 20.04 -7.42 -7.80
C3 TAG G . 21.55 -8.56 -9.13
O3 TAG G . 20.80 -8.25 -10.28
C4 TAG G . 22.95 -8.59 -9.74
O4 TAG G . 23.96 -8.59 -8.81
C5 TAG G . 22.96 -9.97 -10.45
O5 TAG G . 22.73 -10.94 -9.45
C6 TAG G . 24.31 -10.14 -11.16
O6 TAG G . 25.18 -10.95 -10.42
H11 TAG G . 22.26 -6.01 -7.07
H12 TAG G . 23.25 -7.43 -7.36
HO1 TAG G . 21.43 -6.93 -5.29
H3 TAG G . 21.36 -9.48 -8.59
HO3 TAG G . 20.20 -7.55 -10.09
H4 TAG G . 23.12 -7.73 -10.37
HO4 TAG G . 23.93 -9.36 -8.30
H5 TAG G . 22.21 -10.07 -11.21
HO5 TAG G . 23.56 -11.24 -9.10
H61 TAG G . 24.76 -9.17 -11.28
H62 TAG G . 24.14 -10.59 -12.12
HO6 TAG G . 25.35 -11.75 -10.91
MG MG H . 18.98 -7.41 -9.40
C1 TAG I . -19.48 13.27 -6.84
O1 TAG I . -19.57 12.32 -5.82
C2 TAG I . -18.23 14.13 -6.73
O2 TAG I . -17.15 13.67 -6.49
C3 TAG I . -18.31 15.65 -6.88
O3 TAG I . -17.15 16.12 -7.52
C4 TAG I . -19.45 16.24 -7.71
O4 TAG I . -20.69 15.90 -7.19
C5 TAG I . -19.32 17.77 -7.63
O5 TAG I . -18.91 18.18 -6.33
C6 TAG I . -20.66 18.44 -7.92
O6 TAG I . -21.42 18.62 -6.73
H11 TAG I . -19.46 12.75 -7.80
H12 TAG I . -20.34 13.92 -6.81
HO1 TAG I . -19.95 11.52 -6.14
H3 TAG I . -18.47 15.96 -5.86
HO3 TAG I . -16.62 15.38 -7.79
H4 TAG I . -19.38 15.87 -8.72
HO4 TAG I . -20.70 16.02 -6.27
H5 TAG I . -18.59 18.08 -8.36
HO5 TAG I . -19.54 17.87 -5.70
H61 TAG I . -21.22 17.83 -8.60
H62 TAG I . -20.49 19.42 -8.37
HO6 TAG I . -21.34 19.50 -6.43
MG MG J . -15.62 14.58 -7.08
#